data_4PW5
#
_entry.id   4PW5
#
_cell.length_a   42.273
_cell.length_b   82.807
_cell.length_c   82.864
_cell.angle_alpha   90.05
_cell.angle_beta   90.00
_cell.angle_gamma   89.98
#
_symmetry.space_group_name_H-M   'P 1'
#
loop_
_entity.id
_entity.type
_entity.pdbx_description
1 polymer 'E3 ubiquitin-protein ligase UHRF2'
2 polymer '5hmC-containing DNA1'
3 polymer '5hmC-containing DNA2'
4 water water
#
loop_
_entity_poly.entity_id
_entity_poly.type
_entity_poly.pdbx_seq_one_letter_code
_entity_poly.pdbx_strand_id
1 'polypeptide(L)'
;STESRRDWGRGMACVGRTRECTIVPSNHYGPIPGIPVGSTWRFRVQVSEAGVHRPHVGGIHGRSNDGAYSLVLAGGFADE
VDRGDEFTYTGSGGKNLAGNKRIGAPSADQTLTNMNRALALNCDAPLDDKIGAESRNWRAGKPVRVIRSFKGRKISKYAP
EEGNRYDGIYKVVKYWPEISSSHGFLVWRYLLRRDDVEPAPWTSEGIERSRRLCLRLQYPAGYPSDKEGK
;
A,B,E,F
2 'polydeoxyribonucleotide' (DC)(DT)(DG)(DG)(DT)(DC)(5HC)(DG)(DG)(DA)(DT)(DG) C,G
3 'polydeoxyribonucleotide' (DC)(DC)(DA)(DT)(DC)(DC)(DG)(DG)(DA)(DC)(DC)(DA) D,H
#
# COMPACT_ATOMS: atom_id res chain seq x y z
N ILE A 23 5.92 -3.95 3.59
CA ILE A 23 6.40 -4.26 4.92
C ILE A 23 6.95 -3.02 5.63
N VAL A 24 6.50 -2.81 6.86
CA VAL A 24 7.06 -1.79 7.72
C VAL A 24 7.44 -2.45 9.04
N PRO A 25 8.38 -1.86 9.77
CA PRO A 25 8.71 -2.41 11.09
C PRO A 25 7.49 -2.41 12.01
N SER A 26 7.47 -3.31 12.98
CA SER A 26 6.34 -3.44 13.89
C SER A 26 6.11 -2.18 14.71
N ASN A 27 7.15 -1.39 14.91
CA ASN A 27 7.01 -0.18 15.70
C ASN A 27 6.86 1.08 14.84
N HIS A 28 6.29 0.92 13.65
CA HIS A 28 6.04 2.05 12.76
C HIS A 28 4.92 2.98 13.27
N TYR A 29 5.21 4.27 13.41
CA TYR A 29 4.19 5.27 13.72
C TYR A 29 3.51 5.78 12.46
N GLY A 30 2.21 6.03 12.53
CA GLY A 30 1.48 6.59 11.40
C GLY A 30 0.87 5.56 10.45
N PRO A 31 0.24 6.04 9.36
CA PRO A 31 -0.46 5.23 8.36
C PRO A 31 0.42 4.14 7.76
N ILE A 32 -0.19 3.00 7.43
CA ILE A 32 0.55 1.96 6.72
C ILE A 32 0.53 2.30 5.24
N PRO A 33 1.70 2.32 4.60
CA PRO A 33 1.76 2.59 3.16
C PRO A 33 0.82 1.68 2.36
N GLY A 34 0.06 2.26 1.44
CA GLY A 34 -0.86 1.49 0.62
C GLY A 34 -2.20 1.13 1.25
N ILE A 35 -2.39 1.44 2.53
CA ILE A 35 -3.66 1.14 3.21
C ILE A 35 -4.40 2.44 3.52
N PRO A 36 -5.37 2.80 2.66
CA PRO A 36 -6.15 4.02 2.82
C PRO A 36 -7.18 3.92 3.93
N VAL A 37 -7.48 5.06 4.56
CA VAL A 37 -8.62 5.18 5.46
C VAL A 37 -9.87 4.66 4.75
N GLY A 38 -10.67 3.87 5.44
CA GLY A 38 -11.88 3.30 4.85
C GLY A 38 -11.67 1.84 4.51
N SER A 39 -10.41 1.41 4.47
CA SER A 39 -10.09 -0.01 4.27
C SER A 39 -10.77 -0.85 5.33
N THR A 40 -11.35 -1.96 4.92
CA THR A 40 -12.10 -2.79 5.84
C THR A 40 -11.78 -4.28 5.68
N TRP A 41 -11.58 -4.96 6.80
CA TRP A 41 -11.30 -6.41 6.80
C TRP A 41 -12.28 -7.14 7.70
N ARG A 42 -12.73 -8.31 7.27
CA ARG A 42 -13.68 -9.09 8.05
C ARG A 42 -13.12 -9.47 9.42
N PHE A 43 -11.88 -9.98 9.45
CA PHE A 43 -11.32 -10.55 10.67
C PHE A 43 -10.09 -9.82 11.18
N ARG A 44 -9.88 -9.87 12.49
CA ARG A 44 -8.73 -9.22 13.11
C ARG A 44 -7.38 -9.70 12.55
N VAL A 45 -7.25 -10.99 12.23
CA VAL A 45 -5.99 -11.51 11.71
CA VAL A 45 -5.99 -11.51 11.71
C VAL A 45 -5.61 -10.82 10.39
N GLN A 46 -6.61 -10.47 9.57
CA GLN A 46 -6.32 -9.75 8.33
C GLN A 46 -5.75 -8.36 8.62
N VAL A 47 -6.33 -7.67 9.61
CA VAL A 47 -5.85 -6.35 10.02
C VAL A 47 -4.41 -6.47 10.51
N SER A 48 -4.10 -7.60 11.14
CA SER A 48 -2.76 -7.87 11.63
CA SER A 48 -2.76 -7.87 11.63
C SER A 48 -1.77 -8.08 10.48
N GLU A 49 -2.19 -8.86 9.48
CA GLU A 49 -1.36 -9.15 8.32
C GLU A 49 -1.10 -7.94 7.43
N ALA A 50 -2.01 -6.97 7.45
CA ALA A 50 -1.83 -5.76 6.64
C ALA A 50 -0.88 -4.80 7.33
N GLY A 51 -0.56 -5.08 8.59
CA GLY A 51 0.33 -4.25 9.38
C GLY A 51 -0.37 -3.17 10.18
N VAL A 52 -1.68 -3.03 9.95
CA VAL A 52 -2.43 -1.93 10.54
C VAL A 52 -2.59 -2.07 12.06
N HIS A 53 -2.79 -3.29 12.53
CA HIS A 53 -2.87 -3.54 13.97
C HIS A 53 -2.30 -4.91 14.28
N ARG A 54 -1.06 -4.96 14.78
CA ARG A 54 -0.34 -6.23 14.88
C ARG A 54 -1.03 -7.29 15.75
N PRO A 55 -1.40 -6.96 17.01
CA PRO A 55 -2.00 -8.03 17.84
C PRO A 55 -3.26 -8.64 17.24
N HIS A 56 -3.40 -9.97 17.35
CA HIS A 56 -4.60 -10.68 16.90
C HIS A 56 -5.78 -10.48 17.83
N VAL A 57 -5.51 -10.14 19.08
CA VAL A 57 -6.55 -10.12 20.09
C VAL A 57 -6.59 -8.79 20.84
N GLY A 58 -5.43 -8.37 21.34
CA GLY A 58 -5.33 -7.15 22.12
C GLY A 58 -5.84 -5.92 21.40
N GLY A 59 -6.38 -4.98 22.18
CA GLY A 59 -6.90 -3.75 21.65
C GLY A 59 -5.85 -2.68 21.41
N ILE A 60 -4.71 -2.77 22.09
CA ILE A 60 -3.67 -1.78 21.93
C ILE A 60 -2.34 -2.40 21.50
N HIS A 61 -1.79 -1.93 20.39
CA HIS A 61 -0.42 -2.27 20.06
C HIS A 61 0.52 -1.16 20.44
N GLY A 62 1.52 -1.47 21.26
CA GLY A 62 2.54 -0.50 21.62
C GLY A 62 3.69 -1.11 22.42
N ARG A 63 4.65 -0.27 22.79
CA ARG A 63 5.76 -0.67 23.64
C ARG A 63 5.92 0.33 24.78
N SER A 64 5.97 -0.19 26.00
CA SER A 64 5.76 0.62 27.21
C SER A 64 6.85 1.65 27.53
N ASN A 65 7.96 1.63 26.80
CA ASN A 65 8.92 2.72 26.94
C ASN A 65 9.09 3.49 25.63
N ASP A 66 8.12 3.33 24.73
CA ASP A 66 8.14 3.99 23.44
C ASP A 66 6.83 4.75 23.20
N GLY A 67 5.80 4.01 22.79
CA GLY A 67 4.48 4.57 22.60
C GLY A 67 3.55 3.54 21.99
N ALA A 68 2.32 3.96 21.69
CA ALA A 68 1.36 3.09 21.04
C ALA A 68 1.24 3.44 19.56
N TYR A 69 1.11 2.41 18.72
CA TYR A 69 1.08 2.58 17.28
C TYR A 69 -0.34 2.47 16.73
N SER A 70 -1.17 1.69 17.41
CA SER A 70 -2.53 1.46 16.91
C SER A 70 -3.45 0.92 17.98
N LEU A 71 -4.74 1.08 17.78
CA LEU A 71 -5.70 0.52 18.72
C LEU A 71 -7.00 0.17 18.01
N VAL A 72 -7.81 -0.66 18.64
CA VAL A 72 -9.07 -1.14 18.07
C VAL A 72 -10.26 -0.82 18.96
N LEU A 73 -11.28 -0.18 18.41
CA LEU A 73 -12.52 0.08 19.14
CA LEU A 73 -12.51 0.09 19.15
C LEU A 73 -13.54 -1.00 18.84
N ALA A 74 -13.79 -1.88 19.80
CA ALA A 74 -14.72 -2.98 19.57
C ALA A 74 -15.77 -3.11 20.66
N GLY A 75 -15.96 -2.04 21.42
CA GLY A 75 -17.07 -1.93 22.35
C GLY A 75 -17.02 -2.78 23.59
N GLY A 76 -15.81 -3.14 24.01
CA GLY A 76 -15.63 -3.98 25.17
C GLY A 76 -15.99 -3.27 26.47
N PHE A 77 -15.98 -1.94 26.44
CA PHE A 77 -16.33 -1.18 27.64
C PHE A 77 -17.59 -0.37 27.36
N ALA A 78 -18.62 -0.63 28.14
CA ALA A 78 -19.96 -0.13 27.84
C ALA A 78 -20.08 1.35 28.15
N ASP A 79 -19.12 1.89 28.90
CA ASP A 79 -19.18 3.29 29.32
C ASP A 79 -18.33 4.20 28.43
N GLU A 80 -17.80 3.65 27.34
CA GLU A 80 -17.05 4.45 26.38
C GLU A 80 -17.98 5.26 25.49
N VAL A 81 -17.50 6.42 25.04
CA VAL A 81 -18.25 7.24 24.10
C VAL A 81 -17.43 7.52 22.87
N ASP A 82 -18.14 7.83 21.78
CA ASP A 82 -17.53 8.03 20.47
C ASP A 82 -18.30 9.10 19.68
N ARG A 83 -17.62 10.21 19.38
CA ARG A 83 -18.21 11.26 18.56
C ARG A 83 -17.58 11.32 17.16
N GLY A 84 -16.87 10.28 16.77
CA GLY A 84 -16.22 10.29 15.47
C GLY A 84 -14.92 11.07 15.44
N ASP A 85 -15.00 12.39 15.60
CA ASP A 85 -13.81 13.22 15.66
C ASP A 85 -13.04 13.01 16.97
N GLU A 86 -13.74 12.58 18.01
CA GLU A 86 -13.19 12.35 19.33
C GLU A 86 -13.85 11.11 19.88
N PHE A 87 -13.13 10.35 20.72
CA PHE A 87 -13.77 9.27 21.46
C PHE A 87 -12.99 9.00 22.72
N THR A 88 -13.63 8.40 23.72
CA THR A 88 -12.85 7.92 24.85
C THR A 88 -12.51 6.45 24.65
N TYR A 89 -11.39 6.05 25.22
CA TYR A 89 -10.88 4.70 25.08
C TYR A 89 -10.41 4.21 26.44
N THR A 90 -10.40 2.91 26.62
CA THR A 90 -10.11 2.33 27.92
C THR A 90 -8.89 1.42 27.86
N GLY A 91 -8.01 1.53 28.84
CA GLY A 91 -6.89 0.63 28.92
C GLY A 91 -7.29 -0.80 29.21
N SER A 92 -6.32 -1.68 29.25
CA SER A 92 -6.58 -3.08 29.59
C SER A 92 -5.90 -3.43 30.90
N GLY A 93 -5.79 -4.72 31.17
CA GLY A 93 -5.22 -5.20 32.42
C GLY A 93 -6.35 -5.29 33.42
N GLY A 94 -7.54 -5.02 32.90
CA GLY A 94 -8.76 -4.99 33.69
C GLY A 94 -9.90 -4.65 32.76
N SER A 107 -12.70 -7.84 37.77
CA SER A 107 -11.26 -7.70 37.60
C SER A 107 -10.69 -6.70 38.61
N ALA A 108 -9.37 -6.74 38.79
CA ALA A 108 -8.69 -5.76 39.64
C ALA A 108 -8.61 -4.39 38.96
N ASP A 109 -8.13 -3.39 39.69
CA ASP A 109 -7.88 -2.07 39.13
C ASP A 109 -6.85 -2.17 38.01
N GLN A 110 -6.99 -1.34 36.98
CA GLN A 110 -5.99 -1.27 35.93
C GLN A 110 -4.80 -0.44 36.41
N THR A 111 -3.64 -0.62 35.79
CA THR A 111 -2.48 0.19 36.15
C THR A 111 -1.90 0.84 34.89
N LEU A 112 -1.19 1.96 35.07
CA LEU A 112 -0.51 2.60 33.95
C LEU A 112 0.80 1.86 33.65
N THR A 113 0.65 0.63 33.16
CA THR A 113 1.76 -0.25 32.81
C THR A 113 1.54 -0.83 31.41
N ASN A 114 2.56 -1.50 30.89
CA ASN A 114 2.47 -2.16 29.60
C ASN A 114 1.80 -1.29 28.54
N MET A 115 0.75 -1.80 27.91
CA MET A 115 0.09 -1.13 26.80
C MET A 115 -0.59 0.18 27.23
N ASN A 116 -1.11 0.21 28.46
CA ASN A 116 -1.70 1.42 29.01
C ASN A 116 -0.67 2.54 29.08
N ARG A 117 0.51 2.20 29.59
CA ARG A 117 1.61 3.15 29.70
C ARG A 117 2.08 3.59 28.32
N ALA A 118 2.11 2.66 27.38
CA ALA A 118 2.48 2.97 26.00
C ALA A 118 1.57 4.04 25.40
N LEU A 119 0.25 3.86 25.51
CA LEU A 119 -0.69 4.81 24.93
C LEU A 119 -0.56 6.19 25.61
N ALA A 120 -0.30 6.18 26.92
CA ALA A 120 -0.12 7.43 27.64
C ALA A 120 1.09 8.19 27.13
N LEU A 121 2.16 7.46 26.79
CA LEU A 121 3.37 8.10 26.28
C LEU A 121 3.14 8.87 24.97
N ASN A 122 2.07 8.54 24.25
CA ASN A 122 1.72 9.27 23.02
C ASN A 122 1.28 10.71 23.31
N CYS A 123 0.80 10.95 24.52
CA CYS A 123 0.27 12.25 24.92
C CYS A 123 1.42 13.25 25.07
N ASP A 124 1.26 14.46 24.55
CA ASP A 124 2.28 15.49 24.70
C ASP A 124 2.26 16.06 26.13
N ALA A 125 2.75 15.29 27.07
CA ALA A 125 2.70 15.66 28.48
C ALA A 125 3.57 14.72 29.27
N PRO A 126 4.05 15.17 30.44
CA PRO A 126 4.80 14.22 31.27
C PRO A 126 3.92 13.04 31.70
N LEU A 127 4.53 11.87 31.77
CA LEU A 127 3.85 10.68 32.21
C LEU A 127 3.49 10.81 33.69
N ASP A 128 2.24 10.51 34.04
CA ASP A 128 1.79 10.59 35.42
C ASP A 128 0.88 9.42 35.75
N ASP A 129 1.41 8.42 36.46
CA ASP A 129 0.64 7.21 36.74
C ASP A 129 -0.24 7.29 38.00
N LYS A 130 -0.37 8.49 38.57
CA LYS A 130 -1.27 8.71 39.69
C LYS A 130 -2.61 9.26 39.21
N ILE A 131 -2.56 10.41 38.54
CA ILE A 131 -3.77 11.16 38.18
C ILE A 131 -3.86 11.47 36.68
N GLY A 132 -2.92 10.94 35.91
CA GLY A 132 -2.94 11.17 34.48
C GLY A 132 -2.45 12.55 34.13
N ALA A 133 -2.71 12.96 32.90
CA ALA A 133 -2.21 14.24 32.38
C ALA A 133 -3.06 14.73 31.24
N GLU A 134 -2.94 16.02 30.95
CA GLU A 134 -3.57 16.58 29.77
C GLU A 134 -2.51 17.21 28.89
N SER A 135 -2.62 17.00 27.59
CA SER A 135 -1.63 17.52 26.65
CA SER A 135 -1.61 17.51 26.67
C SER A 135 -1.53 19.03 26.68
N ARG A 136 -0.31 19.52 26.59
CA ARG A 136 -0.04 20.93 26.43
CA ARG A 136 -0.06 20.93 26.44
C ARG A 136 -0.52 21.38 25.04
N ASN A 137 -0.04 20.68 24.03
CA ASN A 137 -0.43 20.91 22.64
C ASN A 137 -0.78 19.56 22.02
N TRP A 138 -2.07 19.27 21.93
CA TRP A 138 -2.51 17.91 21.64
C TRP A 138 -1.98 17.40 20.30
N ARG A 139 -1.92 18.28 19.30
CA ARG A 139 -1.46 17.86 17.98
C ARG A 139 0.02 17.51 17.91
N ALA A 140 0.79 17.83 18.95
CA ALA A 140 2.19 17.42 18.98
C ALA A 140 2.37 15.98 19.50
N GLY A 141 1.26 15.33 19.86
CA GLY A 141 1.34 13.96 20.35
C GLY A 141 1.70 12.98 19.26
N LYS A 142 2.12 11.79 19.66
CA LYS A 142 2.43 10.73 18.70
C LYS A 142 1.15 10.19 18.08
N PRO A 143 1.19 9.90 16.77
CA PRO A 143 0.02 9.39 16.04
C PRO A 143 -0.37 7.95 16.41
N VAL A 144 -1.68 7.70 16.41
CA VAL A 144 -2.25 6.39 16.72
C VAL A 144 -3.17 5.97 15.58
N ARG A 145 -2.88 4.84 14.94
CA ARG A 145 -3.82 4.27 13.98
C ARG A 145 -5.04 3.74 14.70
N VAL A 146 -6.23 4.11 14.23
CA VAL A 146 -7.45 3.64 14.88
C VAL A 146 -8.26 2.74 13.95
N ILE A 147 -8.62 1.56 14.46
CA ILE A 147 -9.48 0.63 13.76
C ILE A 147 -10.81 0.59 14.52
N ARG A 148 -11.91 0.84 13.83
CA ARG A 148 -13.22 0.69 14.44
C ARG A 148 -13.85 -0.61 13.97
N SER A 149 -14.18 -1.46 14.94
CA SER A 149 -14.79 -2.75 14.67
C SER A 149 -16.31 -2.66 14.67
N PHE A 150 -16.96 -3.52 13.90
CA PHE A 150 -18.41 -3.62 13.89
C PHE A 150 -18.95 -3.96 15.27
N LYS A 151 -18.14 -4.63 16.07
CA LYS A 151 -18.55 -4.95 17.43
C LYS A 151 -18.70 -3.67 18.24
N GLY A 152 -18.15 -2.57 17.73
CA GLY A 152 -18.31 -1.28 18.36
C GLY A 152 -19.71 -0.71 18.33
N ARG A 153 -20.59 -1.24 17.47
CA ARG A 153 -21.95 -0.72 17.35
C ARG A 153 -22.73 -0.89 18.64
N LYS A 154 -22.19 -1.65 19.59
CA LYS A 154 -22.77 -1.72 20.91
C LYS A 154 -22.78 -0.36 21.60
N ILE A 155 -21.76 0.47 21.33
CA ILE A 155 -21.62 1.74 22.04
C ILE A 155 -21.49 2.95 21.09
N SER A 156 -21.25 2.70 19.82
CA SER A 156 -20.94 3.78 18.89
C SER A 156 -21.72 3.73 17.59
N LYS A 157 -22.12 4.90 17.10
CA LYS A 157 -22.80 4.98 15.82
C LYS A 157 -21.83 5.20 14.64
N TYR A 158 -20.54 5.33 14.93
CA TYR A 158 -19.55 5.49 13.87
C TYR A 158 -18.90 4.17 13.43
N ALA A 159 -19.04 3.13 14.24
CA ALA A 159 -18.54 1.81 13.89
C ALA A 159 -19.16 1.29 12.59
N PRO A 160 -18.39 0.52 11.80
CA PRO A 160 -18.94 -0.02 10.54
C PRO A 160 -19.98 -1.11 10.77
N GLU A 161 -20.82 -1.37 9.79
CA GLU A 161 -21.79 -2.46 9.88
C GLU A 161 -21.06 -3.80 9.96
N GLU A 162 -19.96 -3.92 9.23
CA GLU A 162 -19.25 -5.19 9.16
C GLU A 162 -17.74 -5.06 9.26
N GLY A 163 -17.11 -6.07 9.86
CA GLY A 163 -15.66 -6.17 9.86
C GLY A 163 -14.95 -5.08 10.64
N ASN A 164 -13.73 -4.79 10.22
CA ASN A 164 -12.83 -3.87 10.92
C ASN A 164 -12.37 -2.80 9.97
N ARG A 165 -12.58 -1.53 10.33
CA ARG A 165 -12.30 -0.44 9.40
C ARG A 165 -11.22 0.50 9.92
N TYR A 166 -10.24 0.77 9.07
CA TYR A 166 -9.20 1.71 9.41
C TYR A 166 -9.71 3.15 9.24
N ASP A 167 -9.74 3.90 10.34
CA ASP A 167 -10.37 5.23 10.32
C ASP A 167 -9.36 6.37 10.36
N GLY A 168 -8.08 6.03 10.41
CA GLY A 168 -7.04 7.02 10.28
C GLY A 168 -6.34 7.33 11.58
N ILE A 169 -5.65 8.47 11.60
CA ILE A 169 -4.77 8.83 12.68
C ILE A 169 -5.46 9.69 13.74
N TYR A 170 -5.28 9.29 15.00
CA TYR A 170 -5.77 10.04 16.15
C TYR A 170 -4.63 10.33 17.12
N LYS A 171 -4.84 11.30 18.01
CA LYS A 171 -3.85 11.63 19.01
C LYS A 171 -4.47 11.66 20.40
N VAL A 172 -3.69 11.30 21.42
CA VAL A 172 -4.15 11.32 22.80
C VAL A 172 -4.12 12.75 23.34
N VAL A 173 -5.30 13.25 23.68
CA VAL A 173 -5.44 14.61 24.20
C VAL A 173 -5.15 14.63 25.69
N LYS A 174 -5.57 13.57 26.38
CA LYS A 174 -5.41 13.45 27.82
C LYS A 174 -5.74 12.03 28.25
N TYR A 175 -5.38 11.68 29.46
CA TYR A 175 -5.67 10.35 30.00
C TYR A 175 -5.74 10.46 31.51
N TRP A 176 -6.55 9.63 32.14
CA TRP A 176 -6.79 9.78 33.57
C TRP A 176 -7.39 8.49 34.11
N PRO A 177 -7.21 8.24 35.41
CA PRO A 177 -7.82 7.04 36.01
C PRO A 177 -9.22 7.35 36.52
N GLU A 178 -10.14 6.39 36.40
CA GLU A 178 -11.48 6.57 36.94
C GLU A 178 -12.16 5.22 37.17
N ILE A 179 -13.08 5.20 38.14
CA ILE A 179 -13.90 4.03 38.37
C ILE A 179 -14.84 3.85 37.19
N SER A 180 -14.79 2.67 36.57
CA SER A 180 -15.72 2.37 35.49
C SER A 180 -17.17 2.41 35.96
N SER A 181 -17.99 3.20 35.28
CA SER A 181 -19.42 3.27 35.57
C SER A 181 -20.10 1.92 35.36
N SER A 182 -19.62 1.16 34.39
CA SER A 182 -20.30 -0.09 34.02
C SER A 182 -19.68 -1.34 34.65
N HIS A 183 -18.48 -1.23 35.19
CA HIS A 183 -17.79 -2.41 35.70
C HIS A 183 -17.30 -2.26 37.15
N GLY A 184 -17.18 -1.03 37.64
CA GLY A 184 -16.95 -0.81 39.06
C GLY A 184 -15.52 -0.82 39.55
N PHE A 185 -14.56 -1.21 38.71
CA PHE A 185 -13.17 -1.13 39.11
C PHE A 185 -12.48 0.03 38.40
N LEU A 186 -11.31 0.41 38.89
CA LEU A 186 -10.56 1.52 38.31
CA LEU A 186 -10.56 1.52 38.31
C LEU A 186 -10.02 1.15 36.93
N VAL A 187 -10.30 2.01 35.96
CA VAL A 187 -9.75 1.84 34.62
C VAL A 187 -8.93 3.09 34.26
N TRP A 188 -8.05 2.95 33.28
CA TRP A 188 -7.38 4.11 32.73
C TRP A 188 -8.12 4.48 31.46
N ARG A 189 -8.56 5.73 31.39
CA ARG A 189 -9.32 6.21 30.26
C ARG A 189 -8.50 7.21 29.46
N TYR A 190 -8.73 7.28 28.16
CA TYR A 190 -7.97 8.15 27.25
C TYR A 190 -8.94 8.91 26.37
N LEU A 191 -8.63 10.18 26.09
CA LEU A 191 -9.38 10.93 25.08
C LEU A 191 -8.57 11.00 23.79
N LEU A 192 -9.14 10.46 22.72
CA LEU A 192 -8.49 10.46 21.40
C LEU A 192 -9.19 11.48 20.48
N ARG A 193 -8.41 12.16 19.67
CA ARG A 193 -8.93 13.17 18.76
C ARG A 193 -8.28 13.03 17.39
N ARG A 194 -9.09 13.12 16.35
CA ARG A 194 -8.63 12.86 14.99
C ARG A 194 -7.76 13.99 14.45
N ASP A 195 -6.64 13.61 13.82
CA ASP A 195 -5.78 14.56 13.14
C ASP A 195 -5.16 13.85 11.95
N ASP A 196 -5.91 13.82 10.85
CA ASP A 196 -5.53 13.08 9.65
C ASP A 196 -5.90 13.87 8.40
N VAL A 197 -4.98 13.91 7.45
CA VAL A 197 -5.22 14.57 6.18
C VAL A 197 -6.25 13.78 5.37
N GLU A 198 -6.30 12.46 5.58
CA GLU A 198 -7.29 11.61 4.93
C GLU A 198 -8.66 11.78 5.58
N PRO A 199 -9.70 12.05 4.79
CA PRO A 199 -11.02 12.35 5.38
C PRO A 199 -11.64 11.14 6.09
N ALA A 200 -12.42 11.39 7.13
CA ALA A 200 -13.01 10.32 7.91
C ALA A 200 -14.04 9.55 7.08
N PRO A 201 -14.14 8.23 7.30
CA PRO A 201 -14.95 7.33 6.46
C PRO A 201 -16.43 7.66 6.42
N TRP A 202 -16.95 8.32 7.46
CA TRP A 202 -18.38 8.57 7.56
C TRP A 202 -18.77 9.93 6.98
N THR A 203 -17.79 10.77 6.66
CA THR A 203 -18.11 12.06 6.08
C THR A 203 -18.48 11.88 4.61
N SER A 204 -19.19 12.87 4.08
CA SER A 204 -19.51 12.89 2.65
C SER A 204 -18.28 12.69 1.82
N GLU A 205 -17.21 13.40 2.18
CA GLU A 205 -15.96 13.30 1.46
C GLU A 205 -15.34 11.91 1.57
N GLY A 206 -15.37 11.34 2.77
CA GLY A 206 -14.81 10.02 2.99
C GLY A 206 -15.58 8.92 2.25
N ILE A 207 -16.90 9.06 2.24
CA ILE A 207 -17.76 8.15 1.50
C ILE A 207 -17.46 8.18 0.01
N GLU A 208 -17.41 9.39 -0.56
CA GLU A 208 -17.00 9.55 -1.96
C GLU A 208 -15.65 8.87 -2.22
N ARG A 209 -14.71 9.06 -1.31
CA ARG A 209 -13.37 8.52 -1.49
C ARG A 209 -13.33 7.01 -1.40
N SER A 210 -14.07 6.43 -0.45
CA SER A 210 -14.19 4.98 -0.36
C SER A 210 -14.78 4.43 -1.67
N ARG A 211 -15.81 5.10 -2.18
CA ARG A 211 -16.44 4.68 -3.42
C ARG A 211 -15.44 4.75 -4.57
N ARG A 212 -14.86 5.93 -4.77
CA ARG A 212 -13.88 6.18 -5.82
C ARG A 212 -12.71 5.19 -5.79
N LEU A 213 -12.34 4.73 -4.60
CA LEU A 213 -11.25 3.77 -4.48
C LEU A 213 -11.74 2.33 -4.44
N CYS A 214 -13.05 2.13 -4.57
CA CYS A 214 -13.64 0.79 -4.59
C CYS A 214 -13.26 -0.02 -3.35
N LEU A 215 -13.31 0.60 -2.19
CA LEU A 215 -13.02 -0.09 -0.95
C LEU A 215 -14.18 -1.01 -0.58
N ARG A 216 -13.88 -2.30 -0.42
CA ARG A 216 -14.91 -3.27 -0.07
C ARG A 216 -14.45 -4.11 1.12
N LEU A 217 -15.41 -4.74 1.79
CA LEU A 217 -15.11 -5.64 2.88
C LEU A 217 -14.26 -6.78 2.35
N GLN A 218 -13.06 -6.94 2.90
CA GLN A 218 -12.16 -7.99 2.44
CA GLN A 218 -12.13 -7.98 2.45
C GLN A 218 -12.24 -9.22 3.32
N TYR A 219 -12.43 -10.37 2.68
CA TYR A 219 -12.41 -11.67 3.35
C TYR A 219 -11.08 -12.35 3.07
N PRO A 220 -10.65 -13.26 3.95
CA PRO A 220 -9.49 -14.10 3.65
C PRO A 220 -9.74 -14.88 2.37
N ALA A 221 -8.68 -15.17 1.60
CA ALA A 221 -8.82 -15.90 0.34
C ALA A 221 -9.56 -17.22 0.53
N GLY A 222 -10.56 -17.46 -0.32
CA GLY A 222 -11.33 -18.69 -0.28
C GLY A 222 -12.60 -18.64 0.57
N TYR A 223 -12.59 -17.79 1.59
CA TYR A 223 -13.69 -17.72 2.55
C TYR A 223 -15.05 -17.50 1.91
N ILE B 23 27.27 -20.06 48.89
CA ILE B 23 27.09 -20.30 47.46
C ILE B 23 27.96 -21.45 46.94
N VAL B 24 27.91 -21.64 45.63
CA VAL B 24 28.87 -22.47 44.92
C VAL B 24 29.20 -21.74 43.63
N PRO B 25 30.38 -22.02 43.04
CA PRO B 25 30.72 -21.38 41.76
C PRO B 25 29.72 -21.72 40.64
N SER B 26 29.62 -20.84 39.66
CA SER B 26 28.72 -21.05 38.54
CA SER B 26 28.73 -21.05 38.53
C SER B 26 29.08 -22.32 37.76
N ASN B 27 30.37 -22.65 37.73
CA ASN B 27 30.82 -23.82 36.98
C ASN B 27 30.96 -25.09 37.84
N HIS B 28 30.13 -25.20 38.87
CA HIS B 28 30.09 -26.37 39.74
C HIS B 28 29.42 -27.62 39.12
N TYR B 29 30.14 -28.74 39.03
CA TYR B 29 29.55 -30.00 38.59
C TYR B 29 28.88 -30.71 39.76
N GLY B 30 27.85 -31.50 39.48
CA GLY B 30 27.20 -32.29 40.52
C GLY B 30 26.07 -31.56 41.22
N PRO B 31 25.47 -32.20 42.22
CA PRO B 31 24.31 -31.67 42.94
C PRO B 31 24.66 -30.37 43.68
N ILE B 32 23.66 -29.52 43.88
CA ILE B 32 23.87 -28.31 44.67
C ILE B 32 23.70 -28.66 46.15
N PRO B 33 24.69 -28.29 46.98
CA PRO B 33 24.59 -28.55 48.41
C PRO B 33 23.28 -28.04 49.01
N GLY B 34 22.62 -28.85 49.83
CA GLY B 34 21.37 -28.45 50.45
C GLY B 34 20.10 -28.56 49.60
N ILE B 35 20.24 -28.96 48.32
CA ILE B 35 19.08 -29.09 47.45
C ILE B 35 18.85 -30.56 47.04
N PRO B 36 17.95 -31.24 47.73
CA PRO B 36 17.67 -32.66 47.46
C PRO B 36 16.91 -32.88 46.15
N VAL B 37 17.10 -34.05 45.56
CA VAL B 37 16.28 -34.49 44.46
C VAL B 37 14.82 -34.41 44.90
N GLY B 38 13.93 -33.94 44.02
CA GLY B 38 12.54 -33.77 44.40
C GLY B 38 12.21 -32.32 44.72
N SER B 39 13.24 -31.50 44.92
CA SER B 39 13.05 -30.06 45.11
C SER B 39 12.31 -29.47 43.91
N THR B 40 11.29 -28.67 44.19
CA THR B 40 10.42 -28.13 43.14
C THR B 40 10.17 -26.63 43.34
N TRP B 41 10.37 -25.86 42.27
CA TRP B 41 10.12 -24.41 42.29
C TRP B 41 9.15 -24.02 41.20
N ARG B 42 8.33 -23.01 41.48
CA ARG B 42 7.29 -22.59 40.55
C ARG B 42 7.88 -21.99 39.28
N PHE B 43 8.89 -21.14 39.43
CA PHE B 43 9.44 -20.39 38.31
C PHE B 43 10.92 -20.68 38.04
N ARG B 44 11.35 -20.46 36.81
CA ARG B 44 12.74 -20.67 36.43
C ARG B 44 13.72 -19.82 37.23
N VAL B 45 13.34 -18.58 37.55
CA VAL B 45 14.24 -17.68 38.27
CA VAL B 45 14.24 -17.68 38.27
C VAL B 45 14.57 -18.23 39.66
N GLN B 46 13.61 -18.92 40.28
CA GLN B 46 13.86 -19.56 41.58
C GLN B 46 14.89 -20.67 41.46
N VAL B 47 14.78 -21.46 40.40
CA VAL B 47 15.76 -22.51 40.10
C VAL B 47 17.14 -21.88 39.88
N SER B 48 17.13 -20.68 39.29
CA SER B 48 18.37 -19.95 39.04
CA SER B 48 18.37 -19.95 39.04
C SER B 48 18.99 -19.42 40.33
N GLU B 49 18.16 -18.85 41.20
CA GLU B 49 18.60 -18.37 42.50
C GLU B 49 19.21 -19.47 43.35
N ALA B 50 18.65 -20.68 43.25
CA ALA B 50 19.09 -21.79 44.09
C ALA B 50 20.41 -22.38 43.58
N GLY B 51 20.85 -21.93 42.41
CA GLY B 51 22.11 -22.38 41.83
C GLY B 51 21.97 -23.62 40.98
N VAL B 52 20.80 -24.26 41.05
CA VAL B 52 20.54 -25.50 40.35
C VAL B 52 20.61 -25.36 38.83
N HIS B 53 20.08 -24.27 38.31
CA HIS B 53 20.16 -24.00 36.89
C HIS B 53 20.25 -22.51 36.64
N ARG B 54 21.46 -22.00 36.46
CA ARG B 54 21.70 -20.55 36.45
C ARG B 54 20.90 -19.77 35.40
N PRO B 55 20.90 -20.20 34.12
CA PRO B 55 20.20 -19.35 33.15
C PRO B 55 18.70 -19.27 33.41
N HIS B 56 18.09 -18.10 33.32
CA HIS B 56 16.64 -17.92 33.52
CA HIS B 56 16.65 -18.06 33.57
C HIS B 56 15.83 -18.42 32.34
N VAL B 57 16.47 -18.52 31.17
CA VAL B 57 15.74 -18.89 29.96
C VAL B 57 16.29 -20.12 29.25
N GLY B 58 17.59 -20.12 28.97
CA GLY B 58 18.22 -21.21 28.25
C GLY B 58 18.01 -22.57 28.90
N GLY B 59 17.96 -23.60 28.08
CA GLY B 59 17.76 -24.96 28.54
C GLY B 59 19.03 -25.61 29.04
N ILE B 60 20.18 -25.12 28.56
CA ILE B 60 21.47 -25.73 28.91
C ILE B 60 22.38 -24.70 29.57
N HIS B 61 22.94 -25.06 30.72
CA HIS B 61 24.01 -24.24 31.27
C HIS B 61 25.34 -24.95 31.15
N GLY B 62 26.27 -24.32 30.43
CA GLY B 62 27.60 -24.89 30.25
C GLY B 62 28.63 -23.93 29.67
N ARG B 63 29.87 -24.37 29.63
CA ARG B 63 30.93 -23.62 28.97
C ARG B 63 31.56 -24.48 27.89
N SER B 64 31.61 -23.93 26.68
CA SER B 64 31.86 -24.73 25.48
C SER B 64 33.26 -25.34 25.42
N ASN B 65 34.16 -24.96 26.32
CA ASN B 65 35.45 -25.65 26.38
C ASN B 65 35.67 -26.37 27.71
N ASP B 66 34.61 -26.46 28.51
CA ASP B 66 34.65 -27.16 29.79
C ASP B 66 33.63 -28.30 29.80
N GLY B 67 32.36 -27.94 29.83
CA GLY B 67 31.28 -28.91 29.86
C GLY B 67 29.99 -28.27 30.32
N ALA B 68 28.95 -29.08 30.47
CA ALA B 68 27.63 -28.62 30.88
C ALA B 68 27.34 -29.03 32.32
N TYR B 69 26.73 -28.12 33.07
CA TYR B 69 26.50 -28.35 34.48
C TYR B 69 25.07 -28.78 34.75
N SER B 70 24.15 -28.32 33.89
CA SER B 70 22.74 -28.57 34.12
C SER B 70 21.90 -28.32 32.88
N LEU B 71 20.70 -28.90 32.85
CA LEU B 71 19.80 -28.69 31.73
C LEU B 71 18.34 -28.81 32.19
N VAL B 72 17.42 -28.23 31.41
CA VAL B 72 16.00 -28.22 31.73
C VAL B 72 15.15 -28.93 30.67
N LEU B 73 14.33 -29.89 31.11
CA LEU B 73 13.41 -30.58 30.20
CA LEU B 73 13.42 -30.58 30.19
C LEU B 73 12.05 -29.92 30.23
N ALA B 74 11.72 -29.16 29.19
CA ALA B 74 10.45 -28.42 29.22
C ALA B 74 9.59 -28.64 27.99
N GLY B 75 9.87 -29.71 27.25
CA GLY B 75 9.03 -30.09 26.13
C GLY B 75 9.13 -29.22 24.89
N GLY B 76 10.23 -28.49 24.75
CA GLY B 76 10.42 -27.61 23.62
C GLY B 76 10.47 -28.34 22.28
N PHE B 77 10.92 -29.59 22.29
CA PHE B 77 10.99 -30.40 21.08
C PHE B 77 10.05 -31.60 21.13
N ALA B 78 9.08 -31.63 20.22
CA ALA B 78 8.01 -32.61 20.25
C ALA B 78 8.46 -34.04 19.94
N ASP B 79 9.65 -34.20 19.39
CA ASP B 79 10.14 -35.52 19.00
C ASP B 79 11.03 -36.14 20.08
N GLU B 80 11.15 -35.46 21.22
CA GLU B 80 11.95 -35.97 22.32
C GLU B 80 11.23 -37.06 23.08
N VAL B 81 11.98 -37.95 23.72
CA VAL B 81 11.38 -39.02 24.52
C VAL B 81 11.97 -39.08 25.91
N ASP B 82 11.18 -39.59 26.85
CA ASP B 82 11.59 -39.64 28.24
C ASP B 82 11.13 -40.95 28.87
N ARG B 83 12.09 -41.75 29.33
CA ARG B 83 11.79 -43.00 30.06
C ARG B 83 12.17 -42.88 31.53
N GLY B 84 12.38 -41.67 32.03
CA GLY B 84 12.78 -41.47 33.41
C GLY B 84 14.25 -41.77 33.66
N ASP B 85 14.65 -43.04 33.59
CA ASP B 85 16.05 -43.41 33.76
C ASP B 85 16.90 -42.90 32.59
N GLU B 86 16.26 -42.77 31.43
CA GLU B 86 16.90 -42.25 30.22
C GLU B 86 15.94 -41.31 29.52
N PHE B 87 16.48 -40.33 28.80
CA PHE B 87 15.67 -39.47 27.93
C PHE B 87 16.55 -38.92 26.85
N THR B 88 15.95 -38.59 25.70
CA THR B 88 16.70 -37.86 24.70
C THR B 88 16.50 -36.36 24.90
N TYR B 89 17.47 -35.59 24.44
CA TYR B 89 17.46 -34.14 24.65
C TYR B 89 18.04 -33.47 23.42
N THR B 90 17.61 -32.24 23.18
CA THR B 90 17.95 -31.56 21.95
C THR B 90 18.75 -30.29 22.24
N GLY B 91 19.76 -30.03 21.43
CA GLY B 91 20.52 -28.80 21.56
C GLY B 91 19.71 -27.58 21.16
N SER B 92 20.38 -26.44 21.06
CA SER B 92 19.72 -25.22 20.59
C SER B 92 20.45 -24.66 19.37
N GLY B 93 19.94 -23.53 18.85
CA GLY B 93 20.54 -22.86 17.72
C GLY B 93 19.91 -23.21 16.39
N SER B 107 13.51 -22.86 11.17
CA SER B 107 14.82 -22.41 11.64
C SER B 107 15.95 -23.07 10.87
N ALA B 108 17.20 -22.72 11.20
CA ALA B 108 18.35 -23.27 10.49
C ALA B 108 19.00 -24.42 11.28
N ASP B 109 19.93 -25.11 10.63
CA ASP B 109 20.59 -26.27 11.23
C ASP B 109 21.37 -25.91 12.48
N GLN B 110 21.35 -26.80 13.46
CA GLN B 110 22.13 -26.58 14.67
C GLN B 110 23.58 -27.00 14.44
N THR B 111 24.48 -26.49 15.27
CA THR B 111 25.90 -26.84 15.17
C THR B 111 26.40 -27.27 16.53
N LEU B 112 27.47 -28.06 16.56
CA LEU B 112 28.04 -28.47 17.83
C LEU B 112 28.94 -27.35 18.36
N THR B 113 28.29 -26.25 18.73
CA THR B 113 28.96 -25.08 19.26
C THR B 113 28.31 -24.62 20.55
N ASN B 114 28.92 -23.65 21.19
CA ASN B 114 28.37 -23.04 22.40
C ASN B 114 27.87 -24.10 23.38
N MET B 115 26.62 -23.99 23.80
CA MET B 115 26.05 -24.90 24.80
C MET B 115 25.94 -26.33 24.27
N ASN B 116 25.67 -26.47 22.97
CA ASN B 116 25.64 -27.80 22.34
C ASN B 116 26.96 -28.54 22.49
N ARG B 117 28.06 -27.84 22.22
CA ARG B 117 29.40 -28.39 22.38
C ARG B 117 29.67 -28.72 23.84
N ALA B 118 29.24 -27.82 24.72
CA ALA B 118 29.46 -28.00 26.15
C ALA B 118 28.88 -29.33 26.65
N LEU B 119 27.63 -29.60 26.30
CA LEU B 119 26.97 -30.83 26.75
C LEU B 119 27.66 -32.04 26.13
N ALA B 120 28.07 -31.92 24.88
CA ALA B 120 28.78 -33.02 24.22
C ALA B 120 30.07 -33.35 24.94
N LEU B 121 30.75 -32.33 25.46
CA LEU B 121 32.00 -32.54 26.19
C LEU B 121 31.82 -33.37 27.47
N ASN B 122 30.61 -33.43 28.02
CA ASN B 122 30.36 -34.30 29.17
C ASN B 122 30.46 -35.80 28.85
N CYS B 123 30.34 -36.15 27.58
CA CYS B 123 30.35 -37.56 27.17
C CYS B 123 31.79 -38.11 27.21
N ASP B 124 31.96 -39.32 27.75
CA ASP B 124 33.27 -39.96 27.77
C ASP B 124 33.68 -40.44 26.38
N ALA B 125 34.06 -39.50 25.52
CA ALA B 125 34.38 -39.79 24.13
C ALA B 125 35.04 -38.59 23.50
N PRO B 126 35.84 -38.80 22.44
CA PRO B 126 36.37 -37.65 21.71
C PRO B 126 35.25 -36.80 21.13
N LEU B 127 35.42 -35.48 21.19
CA LEU B 127 34.47 -34.57 20.59
C LEU B 127 34.42 -34.76 19.07
N ASP B 128 33.23 -35.03 18.52
CA ASP B 128 33.08 -35.14 17.07
C ASP B 128 31.88 -34.33 16.60
N ASP B 129 32.14 -33.16 16.03
CA ASP B 129 31.07 -32.27 15.60
C ASP B 129 30.56 -32.53 14.18
N LYS B 130 30.79 -33.73 13.67
CA LYS B 130 30.29 -34.10 12.36
C LYS B 130 29.30 -35.26 12.43
N ILE B 131 29.61 -36.27 13.24
CA ILE B 131 28.72 -37.43 13.35
C ILE B 131 28.41 -37.78 14.81
N GLY B 132 28.87 -36.96 15.74
CA GLY B 132 28.67 -37.24 17.15
C GLY B 132 29.50 -38.43 17.58
N ALA B 133 29.16 -39.00 18.74
CA ALA B 133 29.98 -40.02 19.35
C ALA B 133 29.20 -40.77 20.41
N GLU B 134 29.63 -41.99 20.71
CA GLU B 134 29.04 -42.72 21.80
C GLU B 134 30.12 -42.99 22.84
N SER B 135 29.75 -42.88 24.11
CA SER B 135 30.70 -43.01 25.20
CA SER B 135 30.71 -43.02 25.18
C SER B 135 31.32 -44.40 25.27
N ARG B 136 32.58 -44.44 25.67
CA ARG B 136 33.27 -45.69 25.93
C ARG B 136 32.70 -46.32 27.19
N ASN B 137 32.80 -45.58 28.29
CA ASN B 137 32.23 -45.98 29.58
C ASN B 137 31.33 -44.85 30.06
N TRP B 138 30.02 -45.02 29.89
CA TRP B 138 29.09 -43.90 30.03
C TRP B 138 29.14 -43.25 31.42
N ARG B 139 29.36 -44.07 32.45
CA ARG B 139 29.39 -43.54 33.82
C ARG B 139 30.63 -42.70 34.13
N ALA B 140 31.62 -42.73 33.24
CA ALA B 140 32.80 -41.90 33.42
C ALA B 140 32.57 -40.47 32.92
N GLY B 141 31.39 -40.21 32.35
CA GLY B 141 31.07 -38.88 31.86
C GLY B 141 30.92 -37.87 32.99
N LYS B 142 31.04 -36.59 32.66
CA LYS B 142 30.81 -35.55 33.66
C LYS B 142 29.31 -35.50 34.00
N PRO B 143 28.98 -35.27 35.27
CA PRO B 143 27.58 -35.27 35.70
C PRO B 143 26.84 -34.00 35.26
N VAL B 144 25.54 -34.15 35.02
CA VAL B 144 24.65 -33.06 34.59
C VAL B 144 23.45 -33.01 35.51
N ARG B 145 23.21 -31.86 36.16
CA ARG B 145 21.97 -31.72 36.91
C ARG B 145 20.78 -31.65 35.95
N VAL B 146 19.73 -32.41 36.23
CA VAL B 146 18.57 -32.37 35.35
C VAL B 146 17.32 -31.84 36.07
N ILE B 147 16.69 -30.85 35.45
CA ILE B 147 15.45 -30.27 35.96
C ILE B 147 14.33 -30.63 35.00
N ARG B 148 13.27 -31.23 35.49
CA ARG B 148 12.10 -31.47 34.64
C ARG B 148 11.02 -30.46 34.98
N SER B 149 10.60 -29.70 33.97
CA SER B 149 9.53 -28.71 34.08
C SER B 149 8.14 -29.30 33.79
N PHE B 150 7.11 -28.68 34.35
CA PHE B 150 5.73 -29.13 34.10
C PHE B 150 5.38 -29.01 32.61
N LYS B 151 6.02 -28.09 31.93
CA LYS B 151 5.81 -27.90 30.51
C LYS B 151 6.26 -29.13 29.74
N GLY B 152 7.07 -29.96 30.40
CA GLY B 152 7.50 -31.22 29.82
C GLY B 152 6.40 -32.25 29.64
N ARG B 153 5.24 -32.06 30.27
CA ARG B 153 4.12 -33.00 30.10
C ARG B 153 3.68 -33.09 28.63
N LYS B 154 4.07 -32.10 27.83
CA LYS B 154 3.78 -32.17 26.41
C LYS B 154 4.37 -33.45 25.78
N ILE B 155 5.50 -33.93 26.29
CA ILE B 155 6.11 -35.12 25.70
C ILE B 155 6.44 -36.20 26.72
N SER B 156 6.38 -35.85 28.00
CA SER B 156 6.87 -36.75 29.04
C SER B 156 5.85 -37.09 30.11
N LYS B 157 5.81 -38.36 30.49
CA LYS B 157 4.97 -38.83 31.59
C LYS B 157 5.64 -38.63 32.95
N TYR B 158 6.94 -38.33 32.95
CA TYR B 158 7.70 -38.22 34.20
C TYR B 158 7.84 -36.78 34.70
N ALA B 159 7.50 -35.83 33.85
CA ALA B 159 7.50 -34.40 34.21
C ALA B 159 6.51 -34.14 35.34
N PRO B 160 6.81 -33.15 36.20
CA PRO B 160 5.94 -32.83 37.33
C PRO B 160 4.63 -32.14 36.91
N GLU B 161 3.60 -32.22 37.75
CA GLU B 161 2.34 -31.56 37.48
C GLU B 161 2.52 -30.04 37.43
N GLU B 162 3.33 -29.52 38.34
CA GLU B 162 3.56 -28.09 38.43
C GLU B 162 5.03 -27.74 38.64
N GLY B 163 5.44 -26.56 38.16
CA GLY B 163 6.76 -26.04 38.43
C GLY B 163 7.93 -26.80 37.84
N ASN B 164 9.10 -26.61 38.47
CA ASN B 164 10.36 -27.17 38.00
C ASN B 164 10.97 -28.03 39.08
N ARG B 165 11.23 -29.29 38.75
CA ARG B 165 11.65 -30.25 39.76
C ARG B 165 13.08 -30.71 39.49
N TYR B 166 13.91 -30.69 40.52
CA TYR B 166 15.27 -31.19 40.38
C TYR B 166 15.24 -32.72 40.44
N ASP B 167 15.68 -33.39 39.38
CA ASP B 167 15.53 -34.84 39.32
C ASP B 167 16.84 -35.60 39.48
N GLY B 168 17.93 -34.88 39.70
CA GLY B 168 19.19 -35.52 40.02
C GLY B 168 20.17 -35.54 38.86
N ILE B 169 21.17 -36.41 38.98
CA ILE B 169 22.32 -36.41 38.10
C ILE B 169 22.19 -37.41 36.94
N TYR B 170 22.46 -36.93 35.74
CA TYR B 170 22.47 -37.77 34.54
C TYR B 170 23.79 -37.60 33.82
N LYS B 171 24.06 -38.51 32.90
CA LYS B 171 25.29 -38.49 32.14
C LYS B 171 25.01 -38.72 30.67
N VAL B 172 25.79 -38.06 29.82
CA VAL B 172 25.62 -38.18 28.37
C VAL B 172 26.19 -39.51 27.87
N VAL B 173 25.28 -40.38 27.44
CA VAL B 173 25.67 -41.67 26.90
C VAL B 173 26.22 -41.50 25.49
N LYS B 174 25.57 -40.65 24.71
CA LYS B 174 25.95 -40.41 23.32
C LYS B 174 25.24 -39.19 22.78
N TYR B 175 25.72 -38.66 21.66
CA TYR B 175 25.13 -37.50 21.03
C TYR B 175 25.36 -37.62 19.53
N TRP B 176 24.44 -37.08 18.72
CA TRP B 176 24.52 -37.24 17.27
C TRP B 176 23.63 -36.24 16.55
N PRO B 177 24.00 -35.85 15.32
CA PRO B 177 23.13 -34.95 14.56
C PRO B 177 22.01 -35.72 13.86
N GLU B 178 20.84 -35.13 13.76
CA GLU B 178 19.75 -35.73 13.00
C GLU B 178 18.70 -34.68 12.60
N ILE B 179 18.01 -34.95 11.50
CA ILE B 179 16.89 -34.12 11.09
C ILE B 179 15.74 -34.31 12.07
N SER B 180 15.31 -33.23 12.71
CA SER B 180 14.17 -33.29 13.61
C SER B 180 12.94 -33.81 12.87
N SER B 181 12.32 -34.87 13.38
CA SER B 181 11.08 -35.41 12.83
C SER B 181 9.96 -34.38 12.88
N SER B 182 9.99 -33.54 13.89
CA SER B 182 8.90 -32.61 14.16
C SER B 182 9.10 -31.24 13.53
N HIS B 183 10.36 -30.88 13.27
CA HIS B 183 10.66 -29.52 12.81
C HIS B 183 11.40 -29.49 11.46
N GLY B 184 12.06 -30.58 11.11
CA GLY B 184 12.60 -30.72 9.76
C GLY B 184 13.96 -30.11 9.46
N PHE B 185 14.60 -29.53 10.47
CA PHE B 185 15.97 -29.08 10.31
C PHE B 185 16.89 -29.90 11.20
N LEU B 186 18.19 -29.86 10.91
CA LEU B 186 19.16 -30.63 11.66
C LEU B 186 19.27 -30.10 13.09
N VAL B 187 19.16 -31.02 14.04
CA VAL B 187 19.37 -30.71 15.45
C VAL B 187 20.44 -31.63 16.01
N TRP B 188 21.03 -31.23 17.13
CA TRP B 188 21.94 -32.12 17.83
C TRP B 188 21.18 -32.76 18.97
N ARG B 189 21.24 -34.08 19.02
CA ARG B 189 20.46 -34.82 20.00
C ARG B 189 21.38 -35.55 20.96
N TYR B 190 20.91 -35.75 22.18
CA TYR B 190 21.72 -36.32 23.26
C TYR B 190 20.93 -37.40 23.97
N LEU B 191 21.60 -38.48 24.36
CA LEU B 191 21.00 -39.49 25.24
C LEU B 191 21.55 -39.36 26.66
N LEU B 192 20.66 -39.06 27.61
CA LEU B 192 21.03 -38.91 29.01
C LEU B 192 20.56 -40.12 29.80
N ARG B 193 21.39 -40.58 30.72
CA ARG B 193 21.06 -41.73 31.54
C ARG B 193 21.37 -41.38 32.99
N ARG B 194 20.40 -41.64 33.87
CA ARG B 194 20.52 -41.26 35.27
C ARG B 194 21.61 -42.08 35.97
N ASP B 195 22.43 -41.39 36.76
CA ASP B 195 23.39 -42.07 37.62
C ASP B 195 23.49 -41.24 38.89
N ASP B 196 22.56 -41.48 39.81
CA ASP B 196 22.50 -40.70 41.05
C ASP B 196 22.21 -41.61 42.23
N VAL B 197 22.92 -41.38 43.33
CA VAL B 197 22.69 -42.12 44.57
C VAL B 197 21.31 -41.73 45.16
N GLU B 198 20.87 -40.50 44.91
CA GLU B 198 19.54 -40.08 45.37
C GLU B 198 18.46 -40.71 44.48
N PRO B 199 17.42 -41.29 45.09
CA PRO B 199 16.39 -41.99 44.31
C PRO B 199 15.53 -41.04 43.47
N ALA B 200 15.15 -41.46 42.26
CA ALA B 200 14.33 -40.63 41.39
C ALA B 200 12.98 -40.32 42.01
N PRO B 201 12.45 -39.11 41.77
CA PRO B 201 11.24 -38.64 42.47
C PRO B 201 9.96 -39.42 42.16
N TRP B 202 9.93 -40.21 41.08
CA TRP B 202 8.70 -40.92 40.72
C TRP B 202 8.70 -42.35 41.25
N THR B 203 9.83 -42.79 41.79
CA THR B 203 9.89 -44.14 42.34
C THR B 203 9.24 -44.13 43.72
N SER B 204 8.85 -45.31 44.19
CA SER B 204 8.27 -45.45 45.52
C SER B 204 9.20 -44.88 46.57
N GLU B 205 10.50 -45.16 46.41
CA GLU B 205 11.50 -44.68 47.34
C GLU B 205 11.65 -43.16 47.30
N GLY B 206 11.69 -42.61 46.08
CA GLY B 206 11.78 -41.17 45.91
C GLY B 206 10.54 -40.44 46.39
N ILE B 207 9.38 -41.06 46.21
CA ILE B 207 8.14 -40.49 46.69
C ILE B 207 8.12 -40.43 48.22
N GLU B 208 8.54 -41.52 48.87
CA GLU B 208 8.64 -41.56 50.33
C GLU B 208 9.59 -40.50 50.85
N ARG B 209 10.71 -40.32 50.16
CA ARG B 209 11.71 -39.34 50.60
C ARG B 209 11.22 -37.90 50.48
N SER B 210 10.56 -37.58 49.37
CA SER B 210 9.97 -36.25 49.18
C SER B 210 9.02 -35.95 50.34
N ARG B 211 8.21 -36.94 50.71
CA ARG B 211 7.27 -36.80 51.82
CA ARG B 211 7.27 -36.80 51.81
C ARG B 211 8.02 -36.66 53.14
N ARG B 212 8.99 -37.55 53.37
CA ARG B 212 9.83 -37.52 54.56
C ARG B 212 10.55 -36.17 54.74
N LEU B 213 10.97 -35.55 53.65
CA LEU B 213 11.65 -34.24 53.75
C LEU B 213 10.68 -33.06 53.57
N CYS B 214 9.39 -33.36 53.52
CA CYS B 214 8.35 -32.33 53.37
C CYS B 214 8.63 -31.42 52.18
N LEU B 215 9.03 -32.00 51.07
CA LEU B 215 9.28 -31.23 49.86
C LEU B 215 7.96 -30.77 49.26
N ARG B 216 7.78 -29.46 49.15
CA ARG B 216 6.58 -28.91 48.55
C ARG B 216 6.96 -27.88 47.49
N LEU B 217 6.01 -27.57 46.60
CA LEU B 217 6.23 -26.58 45.56
C LEU B 217 6.53 -25.22 46.16
N GLN B 218 7.69 -24.66 45.85
CA GLN B 218 8.11 -23.38 46.39
CA GLN B 218 8.09 -23.38 46.40
C GLN B 218 7.72 -22.22 45.48
N TYR B 219 6.96 -21.27 46.04
CA TYR B 219 6.60 -20.04 45.34
C TYR B 219 7.54 -18.95 45.84
N PRO B 220 7.77 -17.90 45.02
CA PRO B 220 8.57 -16.79 45.53
C PRO B 220 7.84 -16.09 46.68
N ALA B 221 8.58 -15.42 47.57
CA ALA B 221 7.98 -14.71 48.70
C ALA B 221 6.87 -13.77 48.25
N GLY B 222 5.68 -13.93 48.81
CA GLY B 222 4.54 -13.13 48.43
C GLY B 222 3.69 -13.75 47.34
N TYR B 223 4.36 -14.43 46.40
CA TYR B 223 3.68 -15.12 45.32
C TYR B 223 3.43 -16.57 45.73
N VAL E 24 0.28 -3.58 -36.57
CA VAL E 24 0.82 -2.53 -37.42
C VAL E 24 0.77 -1.17 -36.72
N PRO E 25 1.69 -0.26 -37.08
CA PRO E 25 1.69 1.08 -36.47
C PRO E 25 0.43 1.88 -36.80
N SER E 26 0.18 2.93 -36.02
CA SER E 26 -1.03 3.74 -36.18
CA SER E 26 -1.02 3.74 -36.16
C SER E 26 -0.99 4.59 -37.43
N ASN E 27 0.20 4.88 -37.93
CA ASN E 27 0.36 5.69 -39.12
C ASN E 27 0.60 4.83 -40.37
N HIS E 28 0.06 3.61 -40.34
CA HIS E 28 0.14 2.72 -41.50
C HIS E 28 -0.76 3.18 -42.66
N TYR E 29 -0.16 3.41 -43.83
CA TYR E 29 -0.92 3.67 -45.07
C TYR E 29 -1.31 2.36 -45.76
N GLY E 30 -2.50 2.32 -46.34
CA GLY E 30 -2.95 1.15 -47.08
C GLY E 30 -3.76 0.15 -46.27
N PRO E 31 -4.09 -1.00 -46.89
CA PRO E 31 -4.89 -2.08 -46.28
C PRO E 31 -4.30 -2.61 -44.98
N ILE E 32 -5.16 -3.03 -44.06
CA ILE E 32 -4.67 -3.71 -42.86
C ILE E 32 -4.50 -5.19 -43.19
N PRO E 33 -3.30 -5.73 -42.91
CA PRO E 33 -3.02 -7.15 -43.17
C PRO E 33 -4.06 -8.08 -42.53
N GLY E 34 -4.59 -9.03 -43.31
CA GLY E 34 -5.56 -9.95 -42.79
C GLY E 34 -7.00 -9.42 -42.76
N ILE E 35 -7.21 -8.19 -43.25
CA ILE E 35 -8.54 -7.59 -43.24
C ILE E 35 -8.96 -7.26 -44.66
N PRO E 36 -9.71 -8.17 -45.28
CA PRO E 36 -10.13 -8.00 -46.67
C PRO E 36 -11.28 -7.01 -46.82
N VAL E 37 -11.40 -6.42 -48.01
CA VAL E 37 -12.54 -5.62 -48.40
C VAL E 37 -13.82 -6.44 -48.20
N GLY E 38 -14.88 -5.80 -47.72
CA GLY E 38 -16.12 -6.51 -47.41
C GLY E 38 -16.24 -6.84 -45.94
N SER E 39 -15.11 -6.83 -45.21
CA SER E 39 -15.15 -7.07 -43.76
C SER E 39 -16.10 -6.08 -43.10
N THR E 40 -16.94 -6.58 -42.20
CA THR E 40 -17.97 -5.75 -41.58
C THR E 40 -18.04 -5.96 -40.08
N TRP E 41 -18.06 -4.86 -39.34
CA TRP E 41 -18.17 -4.88 -37.88
C TRP E 41 -19.40 -4.09 -37.46
N ARG E 42 -20.08 -4.53 -36.41
CA ARG E 42 -21.29 -3.86 -35.95
C ARG E 42 -21.00 -2.49 -35.36
N PHE E 43 -19.90 -2.35 -34.63
CA PHE E 43 -19.60 -1.10 -33.90
C PHE E 43 -18.26 -0.46 -34.28
N ARG E 44 -18.19 0.86 -34.15
CA ARG E 44 -16.96 1.60 -34.46
C ARG E 44 -15.73 1.14 -33.67
N VAL E 45 -15.89 0.82 -32.39
CA VAL E 45 -14.75 0.41 -31.59
CA VAL E 45 -14.76 0.39 -31.57
C VAL E 45 -14.14 -0.90 -32.12
N GLN E 46 -14.97 -1.75 -32.73
CA GLN E 46 -14.47 -2.96 -33.37
C GLN E 46 -13.58 -2.63 -34.57
N VAL E 47 -14.01 -1.65 -35.36
CA VAL E 47 -13.23 -1.16 -36.49
C VAL E 47 -11.92 -0.57 -35.98
N SER E 48 -11.98 0.08 -34.83
CA SER E 48 -10.80 0.67 -34.21
CA SER E 48 -10.80 0.67 -34.21
C SER E 48 -9.82 -0.40 -33.76
N GLU E 49 -10.32 -1.40 -33.06
CA GLU E 49 -9.50 -2.50 -32.55
C GLU E 49 -8.87 -3.33 -33.65
N ALA E 50 -9.54 -3.44 -34.79
CA ALA E 50 -9.00 -4.18 -35.94
C ALA E 50 -7.90 -3.39 -36.63
N GLY E 51 -7.76 -2.11 -36.27
CA GLY E 51 -6.70 -1.26 -36.79
C GLY E 51 -7.06 -0.55 -38.09
N VAL E 52 -8.28 -0.80 -38.54
CA VAL E 52 -8.79 -0.24 -39.79
C VAL E 52 -9.08 1.25 -39.69
N HIS E 53 -9.67 1.66 -38.57
CA HIS E 53 -9.95 3.08 -38.35
C HIS E 53 -9.82 3.38 -36.88
N ARG E 54 -8.67 3.89 -36.49
CA ARG E 54 -8.30 4.03 -35.07
C ARG E 54 -9.27 4.88 -34.23
N PRO E 55 -9.70 6.06 -34.72
CA PRO E 55 -10.61 6.83 -33.86
C PRO E 55 -11.95 6.14 -33.66
N HIS E 56 -12.45 6.14 -32.42
N HIS E 56 -12.49 6.14 -32.45
CA HIS E 56 -13.75 5.57 -32.09
CA HIS E 56 -13.79 5.50 -32.24
C HIS E 56 -14.91 6.44 -32.59
C HIS E 56 -14.95 6.48 -32.35
N VAL E 57 -14.64 7.73 -32.72
CA VAL E 57 -15.68 8.73 -32.97
C VAL E 57 -15.46 9.50 -34.28
N GLY E 58 -14.34 10.20 -34.34
CA GLY E 58 -14.00 11.01 -35.50
C GLY E 58 -14.06 10.24 -36.81
N GLY E 59 -14.42 10.95 -37.87
CA GLY E 59 -14.54 10.35 -39.18
C GLY E 59 -13.23 10.24 -39.93
N ILE E 60 -12.25 11.06 -39.55
CA ILE E 60 -10.95 11.05 -40.24
C ILE E 60 -9.82 10.66 -39.31
N HIS E 61 -9.00 9.71 -39.72
CA HIS E 61 -7.77 9.43 -38.98
C HIS E 61 -6.54 9.90 -39.74
N GLY E 62 -5.81 10.83 -39.17
CA GLY E 62 -4.61 11.33 -39.81
C GLY E 62 -3.74 12.19 -38.92
N ARG E 63 -2.62 12.64 -39.50
CA ARG E 63 -1.70 13.56 -38.83
C ARG E 63 -1.41 14.73 -39.76
N SER E 64 -1.56 15.94 -39.25
CA SER E 64 -1.66 17.13 -40.09
C SER E 64 -0.35 17.53 -40.77
N ASN E 65 0.76 16.86 -40.46
CA ASN E 65 1.96 17.11 -41.24
C ASN E 65 2.45 15.84 -41.93
N ASP E 66 1.56 14.85 -42.03
CA ASP E 66 1.89 13.58 -42.67
C ASP E 66 0.83 13.25 -43.72
N GLY E 67 -0.32 12.79 -43.26
CA GLY E 67 -1.43 12.51 -44.15
C GLY E 67 -2.57 11.82 -43.43
N ALA E 68 -3.56 11.38 -44.18
CA ALA E 68 -4.70 10.67 -43.61
C ALA E 68 -4.66 9.20 -44.01
N TYR E 69 -4.96 8.33 -43.05
CA TYR E 69 -4.83 6.89 -43.25
C TYR E 69 -6.17 6.26 -43.52
N SER E 70 -7.23 6.86 -42.97
CA SER E 70 -8.55 6.25 -43.10
C SER E 70 -9.66 7.24 -42.80
N LEU E 71 -10.84 6.97 -43.35
CA LEU E 71 -12.01 7.78 -43.03
C LEU E 71 -13.31 6.95 -43.01
N VAL E 72 -14.33 7.48 -42.33
CA VAL E 72 -15.62 6.79 -42.22
C VAL E 72 -16.76 7.60 -42.83
N LEU E 73 -17.48 6.98 -43.76
CA LEU E 73 -18.66 7.57 -44.38
CA LEU E 73 -18.65 7.60 -44.37
C LEU E 73 -19.91 7.19 -43.60
N ALA E 74 -20.44 8.11 -42.80
CA ALA E 74 -21.60 7.76 -41.97
C ALA E 74 -22.75 8.75 -42.13
N GLY E 75 -22.81 9.41 -43.30
CA GLY E 75 -23.91 10.29 -43.62
C GLY E 75 -24.05 11.53 -42.74
N GLY E 76 -22.96 11.97 -42.14
CA GLY E 76 -22.99 13.14 -41.29
C GLY E 76 -23.40 14.42 -42.01
N PHE E 77 -23.12 14.51 -43.31
CA PHE E 77 -23.41 15.72 -44.09
C PHE E 77 -24.39 15.41 -45.20
N ALA E 78 -25.56 16.05 -45.14
CA ALA E 78 -26.67 15.73 -46.02
C ALA E 78 -26.39 16.03 -47.49
N ASP E 79 -25.40 16.86 -47.76
CA ASP E 79 -25.15 17.28 -49.14
C ASP E 79 -24.05 16.48 -49.82
N GLU E 80 -23.56 15.45 -49.14
CA GLU E 80 -22.54 14.59 -49.72
C GLU E 80 -23.16 13.64 -50.76
N VAL E 81 -22.35 13.21 -51.72
CA VAL E 81 -22.80 12.26 -52.73
C VAL E 81 -21.82 11.08 -52.81
N ASP E 82 -22.32 9.96 -53.31
CA ASP E 82 -21.58 8.71 -53.36
C ASP E 82 -21.99 7.92 -54.59
N ARG E 83 -21.04 7.73 -55.50
CA ARG E 83 -21.25 6.92 -56.69
C ARG E 83 -20.53 5.57 -56.60
N GLY E 84 -20.10 5.19 -55.39
CA GLY E 84 -19.37 3.95 -55.21
C GLY E 84 -17.91 4.08 -55.60
N ASP E 85 -17.64 4.23 -56.90
CA ASP E 85 -16.27 4.39 -57.39
C ASP E 85 -15.70 5.75 -56.97
N GLU E 86 -16.59 6.72 -56.79
CA GLU E 86 -16.25 8.07 -56.36
C GLU E 86 -17.25 8.57 -55.35
N PHE E 87 -16.81 9.42 -54.43
CA PHE E 87 -17.73 10.06 -53.49
C PHE E 87 -17.15 11.37 -53.01
N THR E 88 -18.01 12.31 -52.61
CA THR E 88 -17.52 13.50 -51.95
C THR E 88 -17.53 13.30 -50.45
N TYR E 89 -16.65 14.01 -49.77
CA TYR E 89 -16.50 13.85 -48.33
C TYR E 89 -16.28 15.22 -47.73
N THR E 90 -16.57 15.35 -46.46
CA THR E 90 -16.53 16.65 -45.82
C THR E 90 -15.61 16.58 -44.62
N GLY E 91 -14.79 17.60 -44.44
CA GLY E 91 -13.94 17.69 -43.27
C GLY E 91 -14.75 17.95 -42.02
N SER E 92 -14.05 18.15 -40.91
CA SER E 92 -14.70 18.46 -39.65
C SER E 92 -14.33 19.86 -39.16
N GLY E 93 -14.73 20.20 -37.95
CA GLY E 93 -14.67 21.56 -37.47
C GLY E 93 -16.07 22.12 -37.64
N GLY E 94 -16.90 21.31 -38.27
CA GLY E 94 -18.31 21.59 -38.46
C GLY E 94 -19.11 20.29 -38.42
N SER E 107 -22.54 25.73 -36.61
CA SER E 107 -21.11 25.76 -36.32
C SER E 107 -20.44 26.88 -37.12
N ALA E 108 -19.15 27.10 -36.90
CA ALA E 108 -18.42 28.10 -37.66
C ALA E 108 -17.79 27.48 -38.90
N ASP E 109 -17.09 28.31 -39.68
CA ASP E 109 -16.43 27.85 -40.90
C ASP E 109 -15.33 26.85 -40.57
N GLN E 110 -15.16 25.86 -41.44
CA GLN E 110 -14.07 24.90 -41.28
C GLN E 110 -12.78 25.47 -41.82
N THR E 111 -11.66 24.97 -41.31
CA THR E 111 -10.36 25.44 -41.79
C THR E 111 -9.54 24.23 -42.23
N LEU E 112 -8.55 24.46 -43.09
CA LEU E 112 -7.69 23.36 -43.54
C LEU E 112 -6.59 23.10 -42.51
N THR E 113 -7.00 22.60 -41.35
CA THR E 113 -6.09 22.31 -40.25
C THR E 113 -6.37 20.90 -39.74
N ASN E 114 -5.53 20.42 -38.83
CA ASN E 114 -5.72 19.12 -38.20
C ASN E 114 -6.06 18.04 -39.22
N MET E 115 -7.15 17.31 -38.99
CA MET E 115 -7.53 16.18 -39.84
C MET E 115 -7.86 16.61 -41.27
N ASN E 116 -8.43 17.80 -41.42
CA ASN E 116 -8.73 18.32 -42.74
C ASN E 116 -7.47 18.50 -43.56
N ARG E 117 -6.47 19.12 -42.95
CA ARG E 117 -5.17 19.32 -43.57
C ARG E 117 -4.54 17.99 -43.93
N ALA E 118 -4.62 17.04 -43.00
CA ALA E 118 -4.05 15.70 -43.19
C ALA E 118 -4.59 15.03 -44.45
N LEU E 119 -5.90 15.10 -44.63
CA LEU E 119 -6.53 14.45 -45.77
C LEU E 119 -6.13 15.17 -47.06
N ALA E 120 -6.00 16.49 -47.01
CA ALA E 120 -5.60 17.25 -48.19
C ALA E 120 -4.18 16.90 -48.58
N LEU E 121 -3.35 16.53 -47.61
CA LEU E 121 -1.97 16.16 -47.91
C LEU E 121 -1.87 14.88 -48.74
N ASN E 122 -2.92 14.06 -48.71
CA ASN E 122 -2.94 12.84 -49.52
C ASN E 122 -3.04 13.13 -51.02
N CYS E 123 -3.51 14.33 -51.35
CA CYS E 123 -3.73 14.68 -52.74
C CYS E 123 -2.39 14.96 -53.42
N ASP E 124 -2.20 14.48 -54.64
CA ASP E 124 -0.96 14.75 -55.37
C ASP E 124 -0.95 16.20 -55.88
N ALA E 125 -0.81 17.15 -54.96
CA ALA E 125 -0.83 18.56 -55.30
C ALA E 125 -0.28 19.39 -54.16
N PRO E 126 0.23 20.60 -54.47
CA PRO E 126 0.62 21.49 -53.38
C PRO E 126 -0.57 21.83 -52.46
N LEU E 127 -0.32 21.84 -51.16
CA LEU E 127 -1.32 22.22 -50.18
C LEU E 127 -1.78 23.67 -50.35
N ASP E 128 -3.07 23.88 -50.58
CA ASP E 128 -3.58 25.24 -50.68
C ASP E 128 -4.78 25.40 -49.77
N ASP E 129 -4.62 26.14 -48.67
CA ASP E 129 -5.67 26.25 -47.67
C ASP E 129 -6.57 27.47 -47.86
N LYS E 130 -6.60 28.01 -49.08
CA LYS E 130 -7.52 29.08 -49.40
C LYS E 130 -8.52 28.65 -50.47
N ILE E 131 -8.04 28.01 -51.54
CA ILE E 131 -8.94 27.58 -52.62
C ILE E 131 -8.87 26.08 -52.91
N GLY E 132 -8.06 25.34 -52.15
CA GLY E 132 -7.94 23.92 -52.38
C GLY E 132 -7.10 23.63 -53.60
N ALA E 133 -7.17 22.40 -54.11
CA ALA E 133 -6.32 21.98 -55.21
C ALA E 133 -6.85 20.74 -55.91
N GLU E 134 -6.41 20.52 -57.14
CA GLU E 134 -6.76 19.32 -57.86
C GLU E 134 -5.48 18.59 -58.21
N SER E 135 -5.50 17.27 -58.08
CA SER E 135 -4.30 16.47 -58.27
C SER E 135 -3.81 16.53 -59.71
N ARG E 136 -2.49 16.54 -59.86
CA ARG E 136 -1.87 16.39 -61.16
C ARG E 136 -2.11 14.97 -61.69
N ASN E 137 -1.79 13.97 -60.87
CA ASN E 137 -1.99 12.56 -61.21
C ASN E 137 -2.61 11.86 -60.02
N TRP E 138 -3.94 11.76 -60.01
CA TRP E 138 -4.68 11.40 -58.79
C TRP E 138 -4.20 10.08 -58.19
N ARG E 139 -3.77 9.15 -59.04
CA ARG E 139 -3.34 7.84 -58.58
C ARG E 139 -2.01 7.86 -57.82
N ALA E 140 -1.28 8.96 -57.93
CA ALA E 140 -0.04 9.11 -57.18
C ALA E 140 -0.31 9.57 -55.74
N GLY E 141 -1.57 9.85 -55.43
CA GLY E 141 -1.94 10.28 -54.09
C GLY E 141 -1.70 9.19 -53.07
N LYS E 142 -1.66 9.54 -51.79
CA LYS E 142 -1.47 8.53 -50.75
C LYS E 142 -2.82 7.83 -50.55
N PRO E 143 -2.78 6.52 -50.26
CA PRO E 143 -4.02 5.75 -50.13
C PRO E 143 -4.78 6.05 -48.84
N VAL E 144 -6.10 6.02 -48.95
CA VAL E 144 -6.99 6.21 -47.81
C VAL E 144 -7.88 4.98 -47.68
N ARG E 145 -7.84 4.33 -46.53
CA ARG E 145 -8.81 3.28 -46.22
C ARG E 145 -10.19 3.89 -46.03
N VAL E 146 -11.20 3.32 -46.65
CA VAL E 146 -12.54 3.89 -46.56
C VAL E 146 -13.52 2.89 -45.92
N ILE E 147 -14.18 3.34 -44.86
CA ILE E 147 -15.22 2.57 -44.20
C ILE E 147 -16.57 3.20 -44.47
N ARG E 148 -17.52 2.42 -45.01
CA ARG E 148 -18.89 2.90 -45.15
C ARG E 148 -19.75 2.32 -44.04
N SER E 149 -20.45 3.20 -43.34
CA SER E 149 -21.32 2.84 -42.24
C SER E 149 -22.78 2.75 -42.67
N PHE E 150 -23.55 1.92 -41.99
CA PHE E 150 -24.97 1.75 -42.30
C PHE E 150 -25.70 3.08 -42.15
N LYS E 151 -25.14 3.96 -41.33
CA LYS E 151 -25.70 5.29 -41.15
C LYS E 151 -25.55 6.13 -42.42
N GLY E 152 -24.66 5.71 -43.32
CA GLY E 152 -24.54 6.37 -44.61
C GLY E 152 -25.76 6.20 -45.51
N ARG E 153 -26.63 5.25 -45.17
CA ARG E 153 -27.83 4.97 -45.97
C ARG E 153 -28.72 6.18 -46.22
N LYS E 154 -28.60 7.21 -45.39
CA LYS E 154 -29.44 8.38 -45.59
C LYS E 154 -28.89 9.34 -46.67
N ILE E 155 -27.69 9.07 -47.19
CA ILE E 155 -27.25 9.80 -48.38
C ILE E 155 -26.72 8.87 -49.47
N SER E 156 -26.41 7.62 -49.11
CA SER E 156 -25.75 6.71 -50.05
C SER E 156 -26.45 5.37 -50.23
N LYS E 157 -26.60 4.93 -51.47
CA LYS E 157 -27.13 3.59 -51.75
C LYS E 157 -26.05 2.50 -51.72
N TYR E 158 -24.79 2.90 -51.53
CA TYR E 158 -23.68 1.95 -51.47
C TYR E 158 -23.32 1.54 -50.03
N ALA E 159 -23.78 2.33 -49.06
CA ALA E 159 -23.64 1.99 -47.65
C ALA E 159 -24.24 0.62 -47.35
N PRO E 160 -23.63 -0.11 -46.41
CA PRO E 160 -24.11 -1.43 -46.00
C PRO E 160 -25.43 -1.36 -45.23
N GLU E 161 -26.15 -2.48 -45.15
CA GLU E 161 -27.38 -2.53 -44.38
C GLU E 161 -27.13 -2.39 -42.89
N GLU E 162 -26.03 -2.98 -42.43
CA GLU E 162 -25.72 -3.01 -41.00
C GLU E 162 -24.23 -2.83 -40.72
N GLY E 163 -23.93 -2.23 -39.59
CA GLY E 163 -22.56 -2.06 -39.13
C GLY E 163 -21.69 -1.22 -40.06
N ASN E 164 -20.38 -1.50 -40.00
CA ASN E 164 -19.36 -0.74 -40.71
C ASN E 164 -18.59 -1.63 -41.64
N ARG E 165 -18.55 -1.29 -42.91
CA ARG E 165 -17.92 -2.15 -43.92
C ARG E 165 -16.65 -1.50 -44.49
N TYR E 166 -15.56 -2.24 -44.48
CA TYR E 166 -14.32 -1.78 -45.12
C TYR E 166 -14.43 -1.94 -46.64
N ASP E 167 -14.34 -0.83 -47.36
CA ASP E 167 -14.60 -0.87 -48.80
C ASP E 167 -13.33 -0.72 -49.63
N GLY E 168 -12.20 -0.60 -48.96
CA GLY E 168 -10.94 -0.59 -49.68
C GLY E 168 -10.31 0.76 -49.80
N ILE E 169 -9.42 0.89 -50.76
CA ILE E 169 -8.51 2.02 -50.85
C ILE E 169 -8.99 3.07 -51.83
N TYR E 170 -9.07 4.31 -51.36
CA TYR E 170 -9.39 5.45 -52.22
C TYR E 170 -8.29 6.49 -52.16
N LYS E 171 -8.31 7.40 -53.13
CA LYS E 171 -7.33 8.45 -53.21
C LYS E 171 -8.01 9.79 -53.43
N VAL E 172 -7.45 10.85 -52.84
CA VAL E 172 -8.03 12.19 -52.98
C VAL E 172 -7.70 12.84 -54.33
N VAL E 173 -8.73 13.00 -55.14
CA VAL E 173 -8.58 13.58 -56.46
C VAL E 173 -8.46 15.10 -56.39
N LYS E 174 -9.26 15.70 -55.53
CA LYS E 174 -9.21 17.14 -55.30
C LYS E 174 -9.86 17.49 -53.99
N TYR E 175 -9.70 18.73 -53.57
CA TYR E 175 -10.33 19.21 -52.36
C TYR E 175 -10.49 20.72 -52.51
N TRP E 176 -11.49 21.28 -51.83
CA TRP E 176 -11.84 22.68 -52.02
C TRP E 176 -12.84 23.13 -50.96
N PRO E 177 -12.83 24.44 -50.64
CA PRO E 177 -13.78 24.95 -49.65
C PRO E 177 -15.09 25.36 -50.31
N GLU E 178 -16.20 25.19 -49.61
CA GLU E 178 -17.48 25.64 -50.16
C GLU E 178 -18.50 25.81 -49.05
N ILE E 179 -19.47 26.70 -49.28
CA ILE E 179 -20.59 26.81 -48.36
C ILE E 179 -21.43 25.54 -48.45
N SER E 180 -21.66 24.90 -47.31
CA SER E 180 -22.49 23.71 -47.30
C SER E 180 -23.93 24.05 -47.69
N SER E 181 -24.47 23.30 -48.66
CA SER E 181 -25.84 23.47 -49.12
C SER E 181 -26.85 23.13 -48.03
N SER E 182 -26.45 22.29 -47.08
CA SER E 182 -27.39 21.79 -46.09
C SER E 182 -27.21 22.42 -44.70
N HIS E 183 -26.14 23.18 -44.52
CA HIS E 183 -25.80 23.71 -43.20
C HIS E 183 -25.42 25.19 -43.22
N GLY E 184 -25.06 25.69 -44.39
CA GLY E 184 -24.88 27.12 -44.57
C GLY E 184 -23.55 27.71 -44.14
N PHE E 185 -22.67 26.92 -43.55
CA PHE E 185 -21.33 27.41 -43.23
C PHE E 185 -20.29 26.77 -44.17
N LEU E 186 -19.12 27.38 -44.25
CA LEU E 186 -18.07 26.89 -45.11
C LEU E 186 -17.51 25.56 -44.59
N VAL E 187 -17.36 24.60 -45.49
CA VAL E 187 -16.75 23.32 -45.16
C VAL E 187 -15.64 23.03 -46.15
N TRP E 188 -14.75 22.12 -45.79
CA TRP E 188 -13.80 21.61 -46.76
C TRP E 188 -14.33 20.31 -47.32
N ARG E 189 -14.37 20.24 -48.64
CA ARG E 189 -14.94 19.10 -49.34
C ARG E 189 -13.87 18.40 -50.14
N TYR E 190 -13.95 17.07 -50.20
CA TYR E 190 -12.92 16.28 -50.87
C TYR E 190 -13.58 15.35 -51.87
N LEU E 191 -12.93 15.14 -53.01
CA LEU E 191 -13.34 14.09 -53.93
C LEU E 191 -12.44 12.86 -53.80
N LEU E 192 -13.03 11.72 -53.48
CA LEU E 192 -12.29 10.44 -53.31
C LEU E 192 -12.60 9.50 -54.47
N ARG E 193 -11.59 8.80 -54.96
CA ARG E 193 -11.79 7.88 -56.08
C ARG E 193 -11.11 6.54 -55.78
N ARG E 194 -11.81 5.45 -56.02
CA ARG E 194 -11.34 4.13 -55.62
C ARG E 194 -10.18 3.66 -56.50
N ASP E 195 -9.17 3.10 -55.86
CA ASP E 195 -8.02 2.56 -56.56
C ASP E 195 -7.54 1.39 -55.75
N ASP E 196 -8.17 0.23 -55.95
CA ASP E 196 -7.89 -0.94 -55.15
C ASP E 196 -7.96 -2.19 -56.01
N VAL E 197 -6.98 -3.07 -55.82
CA VAL E 197 -6.92 -4.34 -56.53
C VAL E 197 -8.04 -5.26 -56.06
N GLU E 198 -8.48 -5.10 -54.81
CA GLU E 198 -9.62 -5.87 -54.29
C GLU E 198 -10.92 -5.28 -54.81
N PRO E 199 -11.82 -6.14 -55.32
CA PRO E 199 -13.06 -5.63 -55.93
C PRO E 199 -13.99 -5.01 -54.90
N ALA E 200 -14.69 -3.95 -55.28
CA ALA E 200 -15.63 -3.29 -54.38
C ALA E 200 -16.76 -4.25 -53.99
N PRO E 201 -17.24 -4.16 -52.74
CA PRO E 201 -18.19 -5.15 -52.21
C PRO E 201 -19.54 -5.22 -52.93
N TRP E 202 -19.94 -4.16 -53.61
CA TRP E 202 -21.27 -4.14 -54.23
C TRP E 202 -21.24 -4.70 -55.65
N THR E 203 -20.04 -4.96 -56.17
CA THR E 203 -19.92 -5.53 -57.51
C THR E 203 -20.17 -7.04 -57.48
N SER E 204 -20.54 -7.59 -58.63
CA SER E 204 -20.76 -9.04 -58.75
C SER E 204 -19.57 -9.81 -58.23
N GLU E 205 -18.38 -9.33 -58.61
CA GLU E 205 -17.13 -9.97 -58.23
C GLU E 205 -16.89 -9.84 -56.74
N GLY E 206 -17.19 -8.68 -56.17
CA GLY E 206 -17.01 -8.43 -54.75
C GLY E 206 -17.99 -9.20 -53.88
N ILE E 207 -19.22 -9.33 -54.37
CA ILE E 207 -20.23 -10.11 -53.66
C ILE E 207 -19.82 -11.58 -53.58
N GLU E 208 -19.37 -12.13 -54.71
CA GLU E 208 -18.88 -13.52 -54.75
C GLU E 208 -17.71 -13.73 -53.81
N ARG E 209 -16.80 -12.75 -53.76
CA ARG E 209 -15.64 -12.84 -52.88
C ARG E 209 -16.03 -12.81 -51.41
N SER E 210 -16.99 -11.93 -51.06
CA SER E 210 -17.49 -11.88 -49.68
C SER E 210 -18.08 -13.22 -49.28
N ARG E 211 -18.77 -13.86 -50.23
CA ARG E 211 -19.38 -15.16 -49.96
C ARG E 211 -18.30 -16.22 -49.84
N ARG E 212 -17.40 -16.25 -50.82
CA ARG E 212 -16.27 -17.20 -50.83
C ARG E 212 -15.43 -17.13 -49.56
N LEU E 213 -15.27 -15.94 -49.00
CA LEU E 213 -14.49 -15.79 -47.77
C LEU E 213 -15.35 -15.89 -46.52
N CYS E 214 -16.64 -16.16 -46.70
CA CYS E 214 -17.57 -16.28 -45.58
C CYS E 214 -17.54 -15.05 -44.66
N LEU E 215 -17.53 -13.87 -45.26
CA LEU E 215 -17.56 -12.64 -44.48
C LEU E 215 -18.96 -12.46 -43.91
N ARG E 216 -19.02 -12.11 -42.63
CA ARG E 216 -20.29 -11.87 -41.96
C ARG E 216 -20.14 -10.69 -41.01
N LEU E 217 -21.27 -10.10 -40.62
CA LEU E 217 -21.26 -9.00 -39.65
C LEU E 217 -20.65 -9.49 -38.34
N GLN E 218 -19.58 -8.83 -37.89
CA GLN E 218 -18.92 -9.22 -36.64
CA GLN E 218 -18.94 -9.24 -36.64
C GLN E 218 -19.46 -8.42 -35.46
N TYR E 219 -19.93 -9.13 -34.43
CA TYR E 219 -20.33 -8.52 -33.17
C TYR E 219 -19.21 -8.78 -32.18
N PRO E 220 -19.11 -7.96 -31.12
CA PRO E 220 -18.18 -8.30 -30.04
C PRO E 220 -18.63 -9.58 -29.34
N ALA E 221 -17.69 -10.37 -28.83
CA ALA E 221 -18.05 -11.56 -28.07
C ALA E 221 -18.97 -11.18 -26.90
N GLY E 222 -20.18 -11.75 -26.89
CA GLY E 222 -21.16 -11.45 -25.87
C GLY E 222 -22.40 -10.72 -26.38
N TYR E 223 -22.32 -10.14 -27.57
CA TYR E 223 -23.44 -9.39 -28.12
C TYR E 223 -24.36 -10.27 -28.96
N VAL F 24 12.50 36.80 -12.35
CA VAL F 24 13.31 35.97 -11.46
C VAL F 24 13.80 34.70 -12.16
N PRO F 25 14.94 34.14 -11.69
CA PRO F 25 15.47 32.92 -12.30
C PRO F 25 14.48 31.75 -12.21
N SER F 26 14.71 30.73 -13.04
CA SER F 26 13.85 29.54 -13.05
C SER F 26 13.93 28.76 -11.76
N ASN F 27 15.07 28.83 -11.08
CA ASN F 27 15.23 28.09 -9.84
C ASN F 27 14.94 28.94 -8.61
N HIS F 28 14.05 29.92 -8.76
CA HIS F 28 13.64 30.75 -7.63
C HIS F 28 12.74 29.97 -6.64
N TYR F 29 13.15 29.93 -5.37
CA TYR F 29 12.33 29.39 -4.29
C TYR F 29 11.42 30.46 -3.71
N GLY F 30 10.23 30.06 -3.25
CA GLY F 30 9.30 31.00 -2.63
C GLY F 30 8.36 31.66 -3.62
N PRO F 31 7.49 32.55 -3.11
CA PRO F 31 6.48 33.21 -3.94
C PRO F 31 7.07 34.07 -5.05
N ILE F 32 6.34 34.22 -6.15
CA ILE F 32 6.78 35.04 -7.26
C ILE F 32 6.41 36.50 -6.99
N PRO F 33 7.38 37.42 -7.12
CA PRO F 33 7.09 38.83 -6.85
C PRO F 33 5.95 39.37 -7.71
N GLY F 34 4.99 40.02 -7.08
CA GLY F 34 3.89 40.61 -7.79
C GLY F 34 2.69 39.70 -7.99
N ILE F 35 2.81 38.44 -7.60
CA ILE F 35 1.75 37.44 -7.77
C ILE F 35 1.21 36.96 -6.42
N PRO F 36 0.10 37.56 -5.95
CA PRO F 36 -0.46 37.20 -4.65
C PRO F 36 -1.22 35.86 -4.67
N VAL F 37 -1.33 35.26 -3.49
CA VAL F 37 -2.15 34.09 -3.30
C VAL F 37 -3.57 34.41 -3.77
N GLY F 38 -4.19 33.49 -4.51
CA GLY F 38 -5.53 33.70 -5.02
C GLY F 38 -5.54 34.08 -6.49
N SER F 39 -4.37 34.44 -7.02
CA SER F 39 -4.18 34.66 -8.45
C SER F 39 -4.65 33.43 -9.23
N THR F 40 -5.44 33.65 -10.28
CA THR F 40 -6.01 32.55 -11.05
C THR F 40 -5.85 32.75 -12.56
N TRP F 41 -5.34 31.73 -13.24
CA TRP F 41 -5.20 31.75 -14.69
C TRP F 41 -5.98 30.62 -15.33
N ARG F 42 -6.55 30.87 -16.50
CA ARG F 42 -7.36 29.86 -17.18
C ARG F 42 -6.49 28.67 -17.59
N PHE F 43 -5.34 28.94 -18.20
CA PHE F 43 -4.52 27.87 -18.77
C PHE F 43 -3.15 27.74 -18.11
N ARG F 44 -2.55 26.55 -18.23
CA ARG F 44 -1.25 26.27 -17.64
C ARG F 44 -0.12 27.12 -18.23
N VAL F 45 -0.19 27.44 -19.52
CA VAL F 45 0.87 28.23 -20.15
CA VAL F 45 0.87 28.23 -20.14
C VAL F 45 0.91 29.64 -19.56
N GLN F 46 -0.22 30.15 -19.12
CA GLN F 46 -0.25 31.43 -18.42
C GLN F 46 0.48 31.36 -17.09
N VAL F 47 0.26 30.26 -16.38
CA VAL F 47 0.90 30.03 -15.10
C VAL F 47 2.41 29.94 -15.33
N SER F 48 2.79 29.37 -16.47
CA SER F 48 4.19 29.27 -16.85
CA SER F 48 4.19 29.26 -16.84
C SER F 48 4.79 30.65 -17.13
N GLU F 49 4.05 31.45 -17.90
CA GLU F 49 4.46 32.80 -18.25
C GLU F 49 4.65 33.70 -17.04
N ALA F 50 3.82 33.49 -16.03
CA ALA F 50 3.85 34.32 -14.84
C ALA F 50 5.04 33.94 -13.95
N GLY F 51 5.63 32.78 -14.22
CA GLY F 51 6.80 32.32 -13.49
C GLY F 51 6.44 31.45 -12.31
N VAL F 52 5.16 31.28 -12.08
CA VAL F 52 4.66 30.58 -10.90
C VAL F 52 4.93 29.08 -10.99
N HIS F 53 4.72 28.51 -12.17
CA HIS F 53 4.99 27.10 -12.42
C HIS F 53 5.45 26.95 -13.86
N ARG F 54 6.76 26.86 -14.05
CA ARG F 54 7.37 26.90 -15.37
C ARG F 54 6.91 25.80 -16.34
N PRO F 55 6.86 24.53 -15.91
CA PRO F 55 6.48 23.52 -16.92
C PRO F 55 5.04 23.67 -17.40
N HIS F 56 4.85 23.56 -18.72
CA HIS F 56 3.52 23.64 -19.33
C HIS F 56 2.66 22.43 -18.99
N VAL F 57 3.29 21.29 -18.76
CA VAL F 57 2.54 20.04 -18.63
C VAL F 57 2.79 19.35 -17.30
N GLY F 58 4.06 19.12 -16.98
CA GLY F 58 4.45 18.42 -15.76
C GLY F 58 3.94 19.04 -14.48
N GLY F 59 3.68 18.21 -13.49
CA GLY F 59 3.12 18.66 -12.23
C GLY F 59 4.13 19.22 -11.26
N ILE F 60 5.40 18.88 -11.45
CA ILE F 60 6.46 19.30 -10.54
C ILE F 60 7.54 20.03 -11.29
N HIS F 61 7.91 21.22 -10.82
CA HIS F 61 9.12 21.86 -11.32
C HIS F 61 10.23 21.80 -10.28
N GLY F 62 11.32 21.15 -10.64
CA GLY F 62 12.44 20.99 -9.73
C GLY F 62 13.74 20.59 -10.40
N ARG F 63 14.80 20.51 -9.61
CA ARG F 63 16.08 20.00 -10.09
C ARG F 63 16.59 18.97 -9.12
N SER F 64 16.96 17.81 -9.64
CA SER F 64 17.11 16.60 -8.84
C SER F 64 18.28 16.64 -7.85
N ASN F 65 19.19 17.60 -7.98
CA ASN F 65 20.19 17.78 -6.92
C ASN F 65 20.13 19.16 -6.26
N ASP F 66 18.93 19.76 -6.29
CA ASP F 66 18.69 21.04 -5.62
C ASP F 66 17.37 20.96 -4.86
N GLY F 67 16.26 20.95 -5.59
CA GLY F 67 14.96 20.82 -4.97
C GLY F 67 13.83 21.24 -5.90
N ALA F 68 12.61 21.24 -5.36
CA ALA F 68 11.45 21.61 -6.14
C ALA F 68 10.96 23.00 -5.79
N TYR F 69 10.59 23.75 -6.82
CA TYR F 69 10.19 25.13 -6.65
C TYR F 69 8.67 25.25 -6.60
N SER F 70 7.99 24.34 -7.30
CA SER F 70 6.53 24.44 -7.40
C SER F 70 5.86 23.15 -7.87
N LEU F 71 4.56 23.05 -7.62
CA LEU F 71 3.82 21.88 -8.08
C LEU F 71 2.35 22.21 -8.34
N VAL F 72 1.70 21.36 -9.13
CA VAL F 72 0.29 21.56 -9.49
C VAL F 72 -0.60 20.39 -9.07
N LEU F 73 -1.69 20.71 -8.38
CA LEU F 73 -2.70 19.71 -7.99
CA LEU F 73 -2.68 19.70 -8.00
C LEU F 73 -3.82 19.70 -9.02
N ALA F 74 -3.86 18.67 -9.87
CA ALA F 74 -4.90 18.61 -10.89
C ALA F 74 -5.68 17.29 -10.87
N GLY F 75 -5.54 16.53 -9.78
CA GLY F 75 -6.38 15.36 -9.56
C GLY F 75 -5.98 14.15 -10.37
N GLY F 76 -4.73 14.11 -10.81
CA GLY F 76 -4.23 13.03 -11.64
C GLY F 76 -4.18 11.70 -10.94
N PHE F 77 -4.18 11.69 -9.60
CA PHE F 77 -4.21 10.45 -8.85
C PHE F 77 -5.43 10.40 -7.94
N ALA F 78 -6.27 9.39 -8.16
CA ALA F 78 -7.58 9.28 -7.51
C ALA F 78 -7.50 9.03 -6.02
N ASP F 79 -6.33 8.61 -5.54
CA ASP F 79 -6.17 8.24 -4.14
C ASP F 79 -5.54 9.36 -3.31
N GLU F 80 -5.38 10.54 -3.89
CA GLU F 80 -4.86 11.68 -3.17
C GLU F 80 -5.92 12.35 -2.31
N VAL F 81 -5.50 12.93 -1.19
CA VAL F 81 -6.41 13.65 -0.29
C VAL F 81 -5.94 15.08 -0.08
N ASP F 82 -6.88 15.96 0.28
CA ASP F 82 -6.60 17.38 0.38
C ASP F 82 -7.45 18.00 1.48
N ARG F 83 -6.79 18.52 2.51
CA ARG F 83 -7.48 19.19 3.61
C ARG F 83 -7.13 20.69 3.64
N GLY F 84 -6.68 21.20 2.50
CA GLY F 84 -6.37 22.62 2.40
C GLY F 84 -5.04 22.99 3.02
N ASP F 85 -4.95 22.93 4.34
CA ASP F 85 -3.71 23.21 5.05
C ASP F 85 -2.67 22.10 4.87
N GLU F 86 -3.17 20.90 4.55
CA GLU F 86 -2.33 19.74 4.25
C GLU F 86 -2.92 18.99 3.08
N PHE F 87 -2.08 18.34 2.28
CA PHE F 87 -2.55 17.45 1.22
C PHE F 87 -1.49 16.42 0.91
N THR F 88 -1.89 15.25 0.42
CA THR F 88 -0.90 14.32 -0.12
C THR F 88 -0.74 14.55 -1.61
N TYR F 89 0.41 14.16 -2.13
CA TYR F 89 0.74 14.43 -3.51
C TYR F 89 1.57 13.28 -4.02
N THR F 90 1.54 13.07 -5.33
CA THR F 90 2.14 11.88 -5.90
C THR F 90 3.22 12.28 -6.91
N GLY F 91 4.34 11.57 -6.88
CA GLY F 91 5.38 11.81 -7.87
C GLY F 91 4.93 11.34 -9.24
N SER F 92 5.84 11.38 -10.20
CA SER F 92 5.54 10.91 -11.56
C SER F 92 6.48 9.77 -11.96
N GLY F 93 6.35 9.31 -13.20
CA GLY F 93 7.15 8.21 -13.69
C GLY F 93 6.41 6.88 -13.62
N SER F 107 1.72 1.44 -16.67
CA SER F 107 2.85 2.13 -16.07
C SER F 107 3.54 1.29 -14.99
N ALA F 108 4.84 1.47 -14.82
CA ALA F 108 5.61 0.72 -13.84
C ALA F 108 5.86 1.51 -12.56
N ASP F 109 6.62 0.92 -11.65
CA ASP F 109 6.91 1.52 -10.36
C ASP F 109 7.64 2.86 -10.52
N GLN F 110 7.26 3.83 -9.70
CA GLN F 110 7.94 5.11 -9.67
C GLN F 110 9.25 4.98 -8.89
N THR F 111 10.22 5.83 -9.22
CA THR F 111 11.49 5.85 -8.51
C THR F 111 11.76 7.24 -7.92
N LEU F 112 12.60 7.30 -6.88
CA LEU F 112 12.96 8.58 -6.30
C LEU F 112 14.08 9.22 -7.11
N THR F 113 13.76 9.57 -8.35
CA THR F 113 14.70 10.19 -9.28
C THR F 113 14.06 11.44 -9.86
N ASN F 114 14.87 12.22 -10.57
CA ASN F 114 14.38 13.39 -11.29
C ASN F 114 13.54 14.32 -10.41
N MET F 115 12.33 14.64 -10.85
CA MET F 115 11.47 15.56 -10.13
C MET F 115 11.02 14.99 -8.78
N ASN F 116 10.78 13.68 -8.73
CA ASN F 116 10.47 13.01 -7.47
C ASN F 116 11.56 13.24 -6.42
N ARG F 117 12.81 13.06 -6.84
CA ARG F 117 13.96 13.32 -5.99
C ARG F 117 14.01 14.79 -5.58
N ALA F 118 13.75 15.68 -6.55
CA ALA F 118 13.75 17.11 -6.31
C ALA F 118 12.82 17.49 -5.15
N LEU F 119 11.58 17.02 -5.19
CA LEU F 119 10.63 17.34 -4.14
C LEU F 119 11.04 16.75 -2.79
N ALA F 120 11.61 15.55 -2.81
CA ALA F 120 12.04 14.91 -1.56
C ALA F 120 13.15 15.71 -0.91
N LEU F 121 14.01 16.31 -1.74
CA LEU F 121 15.12 17.12 -1.23
C LEU F 121 14.64 18.36 -0.47
N ASN F 122 13.39 18.78 -0.69
CA ASN F 122 12.82 19.91 0.05
C ASN F 122 12.54 19.57 1.51
N CYS F 123 12.43 18.28 1.80
CA CYS F 123 12.11 17.82 3.15
C CYS F 123 13.31 18.01 4.09
N ASP F 124 13.07 18.52 5.28
CA ASP F 124 14.16 18.63 6.25
C ASP F 124 14.56 17.26 6.80
N ALA F 125 15.22 16.44 5.97
CA ALA F 125 15.63 15.11 6.39
C ALA F 125 16.66 14.53 5.41
N PRO F 126 17.44 13.54 5.86
CA PRO F 126 18.31 12.87 4.90
C PRO F 126 17.49 12.18 3.81
N LEU F 127 17.94 12.32 2.57
CA LEU F 127 17.29 11.67 1.45
C LEU F 127 17.39 10.16 1.61
N ASP F 128 16.24 9.48 1.48
CA ASP F 128 16.22 8.02 1.54
C ASP F 128 15.34 7.47 0.44
N ASP F 129 15.96 6.94 -0.61
CA ASP F 129 15.17 6.49 -1.77
C ASP F 129 14.74 5.03 -1.71
N LYS F 130 14.61 4.50 -0.49
CA LYS F 130 14.08 3.15 -0.29
C LYS F 130 12.81 3.15 0.55
N ILE F 131 12.83 3.87 1.67
CA ILE F 131 11.67 3.91 2.58
C ILE F 131 11.17 5.32 2.83
N GLY F 132 11.77 6.31 2.17
CA GLY F 132 11.37 7.68 2.36
C GLY F 132 11.90 8.22 3.68
N ALA F 133 11.30 9.30 4.16
CA ALA F 133 11.76 9.96 5.38
C ALA F 133 10.72 10.91 5.93
N GLU F 134 10.80 11.17 7.22
CA GLU F 134 9.98 12.21 7.83
C GLU F 134 10.88 13.33 8.35
N SER F 135 10.46 14.56 8.12
CA SER F 135 11.26 15.71 8.51
C SER F 135 11.42 15.81 10.01
N ARG F 136 12.59 16.28 10.43
CA ARG F 136 12.86 16.56 11.82
C ARG F 136 12.10 17.80 12.28
N ASN F 137 12.28 18.89 11.55
CA ASN F 137 11.53 20.13 11.76
C ASN F 137 10.93 20.57 10.43
N TRP F 138 9.67 20.22 10.21
CA TRP F 138 9.04 20.36 8.89
C TRP F 138 9.13 21.79 8.34
N ARG F 139 9.10 22.78 9.22
CA ARG F 139 9.15 24.19 8.78
C ARG F 139 10.51 24.66 8.28
N ALA F 140 11.56 23.89 8.57
CA ALA F 140 12.88 24.23 8.03
C ALA F 140 13.05 23.73 6.60
N GLY F 141 12.06 23.01 6.07
CA GLY F 141 12.14 22.53 4.70
C GLY F 141 12.09 23.67 3.68
N LYS F 142 12.60 23.43 2.49
CA LYS F 142 12.54 24.45 1.44
C LYS F 142 11.10 24.62 0.98
N PRO F 143 10.70 25.85 0.66
CA PRO F 143 9.30 26.14 0.30
C PRO F 143 8.93 25.72 -1.12
N VAL F 144 7.67 25.29 -1.28
CA VAL F 144 7.12 24.90 -2.57
CA VAL F 144 7.16 24.95 -2.60
C VAL F 144 5.89 25.76 -2.88
N ARG F 145 5.87 26.39 -4.06
CA ARG F 145 4.69 27.09 -4.52
C ARG F 145 3.65 26.06 -4.94
N VAL F 146 2.42 26.20 -4.48
CA VAL F 146 1.38 25.24 -4.83
C VAL F 146 0.28 25.89 -5.66
N ILE F 147 0.00 25.29 -6.81
CA ILE F 147 -1.11 25.68 -7.66
C ILE F 147 -2.18 24.59 -7.63
N ARG F 148 -3.42 24.96 -7.31
CA ARG F 148 -4.54 24.03 -7.40
C ARG F 148 -5.33 24.32 -8.66
N SER F 149 -5.45 23.30 -9.51
CA SER F 149 -6.21 23.37 -10.75
C SER F 149 -7.66 22.92 -10.56
N PHE F 150 -8.55 23.45 -11.39
CA PHE F 150 -9.96 23.09 -11.33
C PHE F 150 -10.18 21.60 -11.58
N LYS F 151 -9.20 20.96 -12.22
CA LYS F 151 -9.27 19.54 -12.48
C LYS F 151 -9.11 18.78 -11.17
N GLY F 152 -8.60 19.47 -10.16
CA GLY F 152 -8.47 18.89 -8.83
C GLY F 152 -9.78 18.58 -8.16
N ARG F 153 -10.89 19.13 -8.67
CA ARG F 153 -12.23 18.88 -8.09
C ARG F 153 -12.60 17.40 -8.12
N LYS F 154 -11.89 16.62 -8.92
CA LYS F 154 -12.06 15.17 -8.95
C LYS F 154 -11.73 14.53 -7.60
N ILE F 155 -10.87 15.15 -6.80
CA ILE F 155 -10.54 14.58 -5.48
C ILE F 155 -10.59 15.60 -4.35
N SER F 156 -10.69 16.88 -4.68
CA SER F 156 -10.53 17.92 -3.67
C SER F 156 -11.63 18.97 -3.65
N LYS F 157 -12.09 19.31 -2.46
CA LYS F 157 -13.09 20.37 -2.33
CA LYS F 157 -13.10 20.36 -2.28
C LYS F 157 -12.44 21.75 -2.23
N TYR F 158 -11.12 21.79 -2.15
CA TYR F 158 -10.40 23.08 -2.08
C TYR F 158 -9.97 23.63 -3.44
N ALA F 159 -10.05 22.79 -4.47
CA ALA F 159 -9.72 23.22 -5.82
C ALA F 159 -10.70 24.29 -6.34
N PRO F 160 -10.20 25.22 -7.15
CA PRO F 160 -11.08 26.27 -7.69
C PRO F 160 -12.10 25.74 -8.71
N GLU F 161 -13.18 26.47 -8.93
CA GLU F 161 -14.17 26.13 -9.94
C GLU F 161 -13.57 26.17 -11.33
N GLU F 162 -12.68 27.13 -11.54
CA GLU F 162 -12.12 27.38 -12.86
C GLU F 162 -10.63 27.70 -12.82
N GLY F 163 -9.94 27.31 -13.88
CA GLY F 163 -8.53 27.67 -14.06
C GLY F 163 -7.57 27.14 -13.02
N ASN F 164 -6.45 27.85 -12.87
CA ASN F 164 -5.35 27.45 -12.01
C ASN F 164 -5.06 28.51 -10.97
N ARG F 165 -5.10 28.14 -9.70
CA ARG F 165 -5.03 29.12 -8.62
C ARG F 165 -3.81 28.95 -7.74
N TYR F 166 -3.02 30.01 -7.61
CA TYR F 166 -1.84 30.00 -6.77
C TYR F 166 -2.28 30.07 -5.30
N ASP F 167 -1.99 29.03 -4.53
CA ASP F 167 -2.51 28.93 -3.18
C ASP F 167 -1.47 29.17 -2.09
N GLY F 168 -0.24 29.43 -2.51
CA GLY F 168 0.76 29.84 -1.55
C GLY F 168 1.83 28.81 -1.29
N ILE F 169 2.53 28.99 -0.19
CA ILE F 169 3.73 28.21 0.09
C ILE F 169 3.49 27.03 1.02
N TYR F 170 3.92 25.85 0.58
CA TYR F 170 3.84 24.64 1.38
C TYR F 170 5.22 24.03 1.54
N LYS F 171 5.36 23.17 2.55
CA LYS F 171 6.59 22.45 2.79
C LYS F 171 6.34 20.96 2.92
N VAL F 172 7.34 20.17 2.54
CA VAL F 172 7.25 18.71 2.59
C VAL F 172 7.52 18.16 3.99
N VAL F 173 6.47 17.66 4.62
CA VAL F 173 6.56 17.08 5.95
C VAL F 173 7.23 15.70 5.93
N LYS F 174 6.81 14.87 4.97
CA LYS F 174 7.38 13.54 4.80
C LYS F 174 7.11 13.06 3.38
N TYR F 175 7.79 11.97 3.01
CA TYR F 175 7.58 11.35 1.72
C TYR F 175 7.90 9.87 1.86
N TRP F 176 7.18 9.02 1.15
CA TRP F 176 7.35 7.58 1.31
C TRP F 176 6.80 6.85 0.07
N PRO F 177 7.33 5.64 -0.22
CA PRO F 177 6.79 4.86 -1.32
C PRO F 177 5.61 3.99 -0.88
N GLU F 178 4.62 3.83 -1.74
CA GLU F 178 3.50 2.93 -1.42
C GLU F 178 2.83 2.46 -2.71
N ILE F 179 2.19 1.30 -2.64
CA ILE F 179 1.36 0.84 -3.76
C ILE F 179 0.13 1.74 -3.87
N SER F 180 -0.06 2.36 -5.03
CA SER F 180 -1.25 3.18 -5.25
C SER F 180 -2.53 2.37 -5.12
N SER F 181 -3.39 2.78 -4.20
CA SER F 181 -4.71 2.17 -4.02
C SER F 181 -5.51 2.13 -5.32
N SER F 182 -5.42 3.19 -6.12
CA SER F 182 -6.29 3.32 -7.29
C SER F 182 -5.66 2.83 -8.59
N HIS F 183 -4.34 2.67 -8.61
CA HIS F 183 -3.65 2.39 -9.87
C HIS F 183 -2.81 1.12 -9.84
N GLY F 184 -2.46 0.65 -8.64
CA GLY F 184 -1.85 -0.66 -8.52
C GLY F 184 -0.33 -0.77 -8.53
N PHE F 185 0.36 0.27 -8.99
CA PHE F 185 1.82 0.21 -8.99
C PHE F 185 2.41 1.10 -7.89
N LEU F 186 3.68 0.91 -7.59
CA LEU F 186 4.36 1.69 -6.56
C LEU F 186 4.47 3.15 -6.98
N VAL F 187 4.09 4.05 -6.09
CA VAL F 187 4.25 5.48 -6.33
C VAL F 187 5.01 6.11 -5.18
N TRP F 188 5.60 7.28 -5.42
CA TRP F 188 6.15 8.06 -4.34
C TRP F 188 5.15 9.11 -3.91
N ARG F 189 4.87 9.14 -2.61
CA ARG F 189 3.85 10.01 -2.07
C ARG F 189 4.47 11.02 -1.11
N TYR F 190 3.91 12.22 -1.07
CA TYR F 190 4.46 13.33 -0.28
C TYR F 190 3.36 13.94 0.57
N LEU F 191 3.68 14.31 1.81
CA LEU F 191 2.77 15.10 2.63
C LEU F 191 3.22 16.55 2.65
N LEU F 192 2.38 17.45 2.15
CA LEU F 192 2.67 18.87 2.06
C LEU F 192 1.84 19.61 3.10
N ARG F 193 2.44 20.62 3.72
CA ARG F 193 1.75 21.39 4.76
C ARG F 193 2.00 22.87 4.52
N ARG F 194 0.95 23.67 4.65
CA ARG F 194 1.00 25.08 4.29
C ARG F 194 1.78 25.85 5.35
N ASP F 195 2.66 26.74 4.88
CA ASP F 195 3.37 27.65 5.77
C ASP F 195 3.56 28.96 5.02
N ASP F 196 2.57 29.84 5.11
CA ASP F 196 2.57 31.06 4.33
C ASP F 196 1.95 32.21 5.10
N VAL F 197 2.58 33.38 5.04
CA VAL F 197 2.09 34.56 5.70
C VAL F 197 0.80 35.05 5.02
N GLU F 198 0.70 34.81 3.71
CA GLU F 198 -0.50 35.15 2.96
C GLU F 198 -1.60 34.14 3.26
N PRO F 199 -2.81 34.63 3.58
CA PRO F 199 -3.93 33.75 3.96
C PRO F 199 -4.43 32.92 2.78
N ALA F 200 -4.77 31.66 3.07
CA ALA F 200 -5.25 30.73 2.06
C ALA F 200 -6.55 31.24 1.43
N PRO F 201 -6.72 31.01 0.12
CA PRO F 201 -7.82 31.66 -0.63
C PRO F 201 -9.23 31.23 -0.22
N TRP F 202 -9.38 30.11 0.48
CA TRP F 202 -10.71 29.63 0.85
C TRP F 202 -11.11 30.13 2.23
N THR F 203 -10.16 30.70 2.97
CA THR F 203 -10.50 31.20 4.29
C THR F 203 -11.25 32.52 4.15
N SER F 204 -11.95 32.90 5.21
CA SER F 204 -12.71 34.15 5.21
C SER F 204 -11.78 35.32 4.97
N GLU F 205 -10.57 35.22 5.53
CA GLU F 205 -9.56 36.26 5.33
C GLU F 205 -9.06 36.28 3.90
N GLY F 206 -8.81 35.09 3.35
CA GLY F 206 -8.32 34.96 1.99
C GLY F 206 -9.34 35.43 0.96
N ILE F 207 -10.61 35.18 1.25
CA ILE F 207 -11.68 35.61 0.36
C ILE F 207 -11.81 37.14 0.37
N GLU F 208 -11.77 37.74 1.56
CA GLU F 208 -11.74 39.20 1.67
C GLU F 208 -10.58 39.77 0.87
N ARG F 209 -9.41 39.12 0.95
CA ARG F 209 -8.22 39.64 0.30
C ARG F 209 -8.30 39.55 -1.21
N SER F 210 -8.82 38.44 -1.72
CA SER F 210 -9.01 38.29 -3.17
C SER F 210 -9.96 39.38 -3.70
N ARG F 211 -11.04 39.62 -2.97
CA ARG F 211 -12.01 40.64 -3.34
C ARG F 211 -11.34 42.01 -3.34
N ARG F 212 -10.69 42.33 -2.22
CA ARG F 212 -9.99 43.59 -2.03
C ARG F 212 -8.97 43.91 -3.12
N LEU F 213 -8.30 42.88 -3.63
CA LEU F 213 -7.29 43.04 -4.66
C LEU F 213 -7.87 42.82 -6.06
N CYS F 214 -9.19 42.64 -6.13
CA CYS F 214 -9.88 42.41 -7.40
C CYS F 214 -9.25 41.28 -8.21
N LEU F 215 -8.89 40.18 -7.55
CA LEU F 215 -8.39 39.02 -8.25
C LEU F 215 -9.52 38.32 -9.00
N ARG F 216 -9.33 38.09 -10.29
CA ARG F 216 -10.32 37.39 -11.09
C ARG F 216 -9.63 36.48 -12.10
N LEU F 217 -10.37 35.50 -12.61
CA LEU F 217 -9.85 34.55 -13.59
C LEU F 217 -9.26 35.28 -14.79
N GLN F 218 -7.97 35.07 -15.04
CA GLN F 218 -7.29 35.68 -16.16
C GLN F 218 -7.30 34.78 -17.39
N TYR F 219 -7.83 35.30 -18.50
CA TYR F 219 -7.71 34.61 -19.78
C TYR F 219 -6.56 35.22 -20.55
N PRO F 220 -6.03 34.49 -21.56
CA PRO F 220 -4.94 35.06 -22.36
C PRO F 220 -5.42 36.30 -23.12
N ALA F 221 -4.49 37.17 -23.47
CA ALA F 221 -4.79 38.41 -24.19
C ALA F 221 -5.68 38.18 -25.40
N GLY F 222 -6.95 38.58 -25.29
CA GLY F 222 -7.91 38.43 -26.37
C GLY F 222 -8.31 37.00 -26.66
N TYR F 223 -8.80 36.30 -25.65
CA TYR F 223 -9.27 34.92 -25.83
C TYR F 223 -10.79 34.89 -25.93
#